data_5ISX
#
_entry.id   5ISX
#
_cell.length_a   224.812
_cell.length_b   58.039
_cell.length_c   90.857
_cell.angle_alpha   90.00
_cell.angle_beta   100.64
_cell.angle_gamma   90.00
#
_symmetry.space_group_name_H-M   'C 1 2 1'
#
loop_
_entity.id
_entity.type
_entity.pdbx_description
1 polymer 'Gramicidin S synthase 1'
2 non-polymer "4'-PHOSPHOPANTETHEINE"
3 non-polymer GLYCEROL
4 water water
#
_entity_poly.entity_id   1
_entity_poly.type   'polypeptide(L)'
_entity_poly.pdbx_seq_one_letter_code
;MAPRNEIEETLVTIWQDVLGIEKIGIKDNFYALGGDSIKAIQVAARLHSYQLKLETKDLLKYPTIDQLVHYIKDSKRRSE
QGIVEGEIGLTPIQHWFFEQQFTNMHHWNQSYMLYRPNGFDKEILLRVFNKIVEHHDALRMIYKHHNGKIVQINRGLEGT
LFDFYTFDLTANDNEQQVICEESARLQNSINLEVGPLVKIALFHTQNGDHLFMAIHHLVVDGISWRILFEDLATAYEQAM
HQQTIALPEKTDSFKDWSIELEKYANSELFLEEAEYWHHLNYYTDNVQIKKDYVTMNNKQKNIRYVGMELTIEETEKLLK
NVNKAYRTEINDILLTALGFALKEWADIDKIVINLEGHGREEILEQMNIARTVGWFTSQYPVVLDMQKSDDLSYQIKLMK
ENLRRIPNKGIGYEIFKYLTTEYLRPVLPFTLKPEINFNYLGQFDTDVKTELFTRSPYSMGNSLGPDGKNNLGPEGESYF
VLNINGFIEEGKLHITFSYNEQQYKEDTIQQLSRSYKQHLLAIIEHCVQKEDTELTPSDFSFKELELEEMDDIFDLLADS
LTDDDDKHHHHHH
;
_entity_poly.pdbx_strand_id   A,B
#
loop_
_chem_comp.id
_chem_comp.type
_chem_comp.name
_chem_comp.formula
GOL non-polymer GLYCEROL 'C3 H8 O3'
PNS non-polymer 4'-PHOSPHOPANTETHEINE 'C11 H23 N2 O7 P S'
#
# COMPACT_ATOMS: atom_id res chain seq x y z
N ILE A 7 -18.90 -24.59 13.24
CA ILE A 7 -17.68 -24.59 14.04
C ILE A 7 -17.08 -23.20 14.06
N GLU A 8 -16.19 -22.94 15.01
CA GLU A 8 -15.54 -21.65 15.09
C GLU A 8 -14.41 -21.58 14.04
N GLU A 9 -13.96 -22.74 13.57
CA GLU A 9 -12.93 -22.77 12.55
C GLU A 9 -13.47 -22.25 11.21
N THR A 10 -14.76 -22.45 10.98
CA THR A 10 -15.40 -21.97 9.77
C THR A 10 -15.56 -20.45 9.79
N LEU A 11 -15.91 -19.89 10.94
CA LEU A 11 -16.03 -18.44 11.08
C LEU A 11 -14.68 -17.75 10.92
N VAL A 12 -13.64 -18.34 11.51
CA VAL A 12 -12.28 -17.80 11.41
C VAL A 12 -11.86 -17.71 9.94
N THR A 13 -12.08 -18.79 9.20
CA THR A 13 -11.74 -18.84 7.78
C THR A 13 -12.51 -17.78 6.98
N ILE A 14 -13.82 -17.70 7.24
CA ILE A 14 -14.67 -16.77 6.52
C ILE A 14 -14.29 -15.33 6.81
N TRP A 15 -14.13 -15.02 8.10
CA TRP A 15 -13.71 -13.69 8.51
C TRP A 15 -12.39 -13.32 7.86
N GLN A 16 -11.46 -14.26 7.83
CA GLN A 16 -10.13 -14.01 7.27
C GLN A 16 -10.22 -13.69 5.78
N ASP A 17 -11.04 -14.44 5.05
CA ASP A 17 -11.24 -14.21 3.62
C ASP A 17 -11.92 -12.88 3.37
N VAL A 18 -13.03 -12.66 4.08
CA VAL A 18 -13.87 -11.49 3.88
C VAL A 18 -13.19 -10.19 4.32
N LEU A 19 -12.47 -10.23 5.45
CA LEU A 19 -11.84 -9.02 5.98
C LEU A 19 -10.46 -8.78 5.37
N GLY A 20 -9.94 -9.77 4.66
CA GLY A 20 -8.64 -9.63 4.02
C GLY A 20 -7.50 -9.68 5.01
N ILE A 21 -7.72 -10.34 6.14
CA ILE A 21 -6.72 -10.43 7.19
C ILE A 21 -6.27 -11.88 7.33
N GLU A 22 -4.98 -12.11 7.24
CA GLU A 22 -4.43 -13.46 7.17
C GLU A 22 -4.70 -14.29 8.41
N LYS A 23 -4.59 -13.66 9.57
CA LYS A 23 -4.74 -14.36 10.84
C LYS A 23 -5.72 -13.63 11.77
N ILE A 24 -6.78 -14.32 12.16
CA ILE A 24 -7.77 -13.74 13.06
C ILE A 24 -8.04 -14.63 14.27
N GLY A 25 -7.87 -14.08 15.47
CA GLY A 25 -8.17 -14.82 16.68
C GLY A 25 -9.65 -14.78 16.99
N ILE A 26 -10.11 -15.68 17.85
CA ILE A 26 -11.54 -15.75 18.16
C ILE A 26 -11.97 -14.63 19.10
N LYS A 27 -11.02 -13.80 19.52
CA LYS A 27 -11.31 -12.64 20.37
C LYS A 27 -11.31 -11.33 19.60
N ASP A 28 -10.84 -11.37 18.35
CA ASP A 28 -10.71 -10.14 17.58
C ASP A 28 -12.08 -9.53 17.31
N ASN A 29 -12.17 -8.21 17.44
CA ASN A 29 -13.41 -7.51 17.15
C ASN A 29 -13.59 -7.28 15.65
N PHE A 30 -14.74 -7.71 15.13
CA PHE A 30 -15.04 -7.68 13.70
C PHE A 30 -14.88 -6.28 13.10
N TYR A 31 -15.43 -5.28 13.78
CA TYR A 31 -15.43 -3.91 13.28
C TYR A 31 -14.10 -3.20 13.53
N ALA A 32 -13.41 -3.58 14.59
CA ALA A 32 -12.07 -3.05 14.86
C ALA A 32 -11.07 -3.57 13.83
N LEU A 33 -11.44 -4.65 13.15
CA LEU A 33 -10.64 -5.21 12.07
C LEU A 33 -10.99 -4.61 10.72
N GLY A 34 -11.95 -3.70 10.70
CA GLY A 34 -12.32 -3.02 9.47
C GLY A 34 -13.68 -3.39 8.91
N GLY A 35 -14.44 -4.17 9.66
CA GLY A 35 -15.73 -4.64 9.20
C GLY A 35 -16.79 -3.57 9.07
N ASP A 36 -17.77 -3.81 8.21
CA ASP A 36 -18.95 -2.97 8.08
C ASP A 36 -20.16 -3.85 7.75
N SER A 37 -21.30 -3.23 7.49
CA SER A 37 -22.53 -4.00 7.27
C SER A 37 -22.55 -4.73 5.91
N ILE A 38 -21.69 -4.31 4.99
CA ILE A 38 -21.54 -5.02 3.71
C ILE A 38 -20.67 -6.27 3.90
N LYS A 39 -19.56 -6.11 4.62
CA LYS A 39 -18.75 -7.26 5.02
C LYS A 39 -19.59 -8.29 5.79
N ALA A 40 -20.48 -7.81 6.65
CA ALA A 40 -21.39 -8.67 7.40
C ALA A 40 -22.25 -9.52 6.47
N ILE A 41 -22.77 -8.90 5.42
CA ILE A 41 -23.58 -9.62 4.45
C ILE A 41 -22.75 -10.67 3.72
N GLN A 42 -21.48 -10.34 3.49
CA GLN A 42 -20.56 -11.27 2.84
C GLN A 42 -20.26 -12.48 3.73
N VAL A 43 -20.24 -12.26 5.05
CA VAL A 43 -20.07 -13.36 5.98
C VAL A 43 -21.33 -14.22 5.97
N ALA A 44 -22.49 -13.57 5.95
CA ALA A 44 -23.77 -14.29 5.92
C ALA A 44 -23.90 -15.14 4.66
N ALA A 45 -23.38 -14.61 3.55
CA ALA A 45 -23.44 -15.29 2.27
C ALA A 45 -22.58 -16.55 2.28
N ARG A 46 -21.37 -16.43 2.84
CA ARG A 46 -20.46 -17.56 2.93
C ARG A 46 -21.03 -18.64 3.84
N LEU A 47 -21.67 -18.24 4.93
CA LEU A 47 -22.26 -19.18 5.86
C LEU A 47 -23.41 -19.95 5.21
N HIS A 48 -24.15 -19.27 4.34
CA HIS A 48 -25.28 -19.87 3.64
C HIS A 48 -24.84 -21.06 2.81
N SER A 49 -23.64 -20.99 2.26
CA SER A 49 -23.09 -22.08 1.46
C SER A 49 -22.78 -23.29 2.33
N TYR A 50 -22.61 -23.07 3.63
CA TYR A 50 -22.40 -24.17 4.58
C TYR A 50 -23.70 -24.60 5.26
N GLN A 51 -24.83 -24.16 4.69
CA GLN A 51 -26.14 -24.38 5.30
C GLN A 51 -26.23 -23.81 6.71
N LEU A 52 -25.45 -22.77 6.97
CA LEU A 52 -25.46 -22.08 8.25
C LEU A 52 -26.13 -20.72 8.08
N LYS A 53 -26.75 -20.24 9.16
CA LYS A 53 -27.50 -18.99 9.13
C LYS A 53 -26.89 -17.97 10.07
N LEU A 54 -26.71 -16.75 9.57
CA LEU A 54 -26.29 -15.63 10.39
C LEU A 54 -27.24 -14.46 10.20
N GLU A 55 -27.85 -14.00 11.28
CA GLU A 55 -28.57 -12.74 11.26
C GLU A 55 -27.56 -11.65 11.58
N THR A 56 -27.30 -10.80 10.61
CA THR A 56 -26.19 -9.84 10.69
C THR A 56 -26.26 -8.93 11.91
N LYS A 57 -27.45 -8.79 12.47
CA LYS A 57 -27.63 -8.00 13.64
C LYS A 57 -27.03 -8.62 14.89
N ASP A 58 -26.94 -9.93 14.93
CA ASP A 58 -26.25 -10.63 16.00
C ASP A 58 -24.76 -10.27 16.00
N LEU A 59 -24.18 -10.18 14.81
CA LEU A 59 -22.79 -9.83 14.63
C LEU A 59 -22.46 -8.46 15.23
N LEU A 60 -23.47 -7.59 15.28
CA LEU A 60 -23.30 -6.27 15.88
C LEU A 60 -23.22 -6.35 17.41
N LYS A 61 -24.06 -7.20 18.00
CA LYS A 61 -24.06 -7.36 19.45
C LYS A 61 -22.96 -8.31 19.93
N TYR A 62 -22.54 -9.22 19.06
CA TYR A 62 -21.50 -10.18 19.41
C TYR A 62 -20.36 -10.17 18.40
N PRO A 63 -19.58 -9.07 18.37
CA PRO A 63 -18.59 -8.78 17.33
C PRO A 63 -17.31 -9.62 17.41
N THR A 64 -17.35 -10.74 18.12
CA THR A 64 -16.21 -11.66 18.14
C THR A 64 -16.69 -13.08 17.85
N ILE A 65 -15.81 -13.87 17.26
CA ILE A 65 -16.14 -15.23 16.88
C ILE A 65 -16.47 -16.07 18.11
N ASP A 66 -15.75 -15.80 19.20
CA ASP A 66 -15.96 -16.54 20.44
C ASP A 66 -17.38 -16.37 20.98
N GLN A 67 -17.94 -15.17 20.82
CA GLN A 67 -19.31 -14.91 21.21
C GLN A 67 -20.29 -15.36 20.13
N LEU A 68 -19.98 -15.07 18.88
CA LEU A 68 -20.92 -15.23 17.79
C LEU A 68 -21.28 -16.68 17.48
N VAL A 69 -20.35 -17.60 17.75
CA VAL A 69 -20.57 -19.01 17.39
C VAL A 69 -21.84 -19.59 17.99
N HIS A 70 -22.21 -19.10 19.17
CA HIS A 70 -23.38 -19.60 19.87
C HIS A 70 -24.68 -19.10 19.23
N TYR A 71 -24.58 -18.14 18.33
CA TYR A 71 -25.77 -17.57 17.71
C TYR A 71 -25.90 -17.92 16.24
N ILE A 72 -24.96 -18.71 15.73
CA ILE A 72 -25.05 -19.24 14.38
C ILE A 72 -26.02 -20.42 14.38
N LYS A 73 -27.05 -20.35 13.54
CA LYS A 73 -28.06 -21.41 13.47
C LYS A 73 -28.00 -22.15 12.15
N ASP A 74 -28.76 -23.25 12.04
CA ASP A 74 -28.88 -23.97 10.77
C ASP A 74 -29.86 -23.22 9.87
N SER A 75 -29.63 -23.26 8.56
CA SER A 75 -30.51 -22.55 7.65
C SER A 75 -31.76 -23.38 7.37
N LYS A 76 -32.92 -22.78 7.60
CA LYS A 76 -34.21 -23.43 7.39
C LYS A 76 -34.73 -23.14 6.00
N ARG A 77 -34.25 -22.03 5.44
CA ARG A 77 -34.68 -21.55 4.15
C ARG A 77 -33.94 -22.28 3.03
N ARG A 78 -34.67 -22.83 2.07
CA ARG A 78 -34.04 -23.32 0.86
C ARG A 78 -34.57 -22.54 -0.34
N SER A 79 -33.65 -22.00 -1.13
CA SER A 79 -34.01 -21.11 -2.22
C SER A 79 -34.15 -21.86 -3.53
N GLU A 80 -34.75 -21.20 -4.52
CA GLU A 80 -34.81 -21.73 -5.87
C GLU A 80 -33.42 -21.96 -6.42
N GLN A 81 -33.14 -23.21 -6.79
CA GLN A 81 -31.83 -23.55 -7.34
C GLN A 81 -31.90 -23.78 -8.85
N GLY A 82 -33.12 -23.96 -9.36
CA GLY A 82 -33.32 -24.10 -10.79
C GLY A 82 -33.36 -22.78 -11.55
N ILE A 83 -33.85 -22.82 -12.78
CA ILE A 83 -33.89 -21.64 -13.65
C ILE A 83 -35.14 -20.79 -13.38
N VAL A 84 -34.93 -19.58 -12.89
CA VAL A 84 -36.02 -18.66 -12.59
C VAL A 84 -36.57 -18.01 -13.85
N GLU A 85 -37.90 -18.01 -14.00
CA GLU A 85 -38.55 -17.43 -15.18
C GLU A 85 -39.83 -16.70 -14.82
N GLY A 86 -40.22 -15.75 -15.65
CA GLY A 86 -41.52 -15.11 -15.49
C GLY A 86 -41.49 -13.64 -15.13
N GLU A 87 -42.68 -13.07 -14.99
CA GLU A 87 -42.82 -11.66 -14.65
C GLU A 87 -42.41 -11.40 -13.21
N ILE A 88 -41.72 -10.29 -13.00
CA ILE A 88 -41.32 -9.88 -11.66
C ILE A 88 -41.71 -8.43 -11.46
N GLY A 89 -42.42 -8.14 -10.38
CA GLY A 89 -42.81 -6.78 -10.07
C GLY A 89 -41.60 -5.91 -9.84
N LEU A 90 -41.60 -4.71 -10.38
CA LEU A 90 -40.55 -3.75 -10.13
C LEU A 90 -40.37 -3.53 -8.62
N THR A 91 -39.13 -3.40 -8.19
CA THR A 91 -38.81 -3.06 -6.80
C THR A 91 -38.70 -1.52 -6.67
N PRO A 92 -38.66 -0.99 -5.44
CA PRO A 92 -38.70 0.47 -5.25
C PRO A 92 -37.71 1.26 -6.11
N ILE A 93 -36.43 0.90 -6.08
CA ILE A 93 -35.42 1.64 -6.82
C ILE A 93 -35.67 1.50 -8.33
N GLN A 94 -36.28 0.40 -8.75
CA GLN A 94 -36.63 0.19 -10.16
C GLN A 94 -37.80 1.08 -10.57
N HIS A 95 -38.78 1.23 -9.68
CA HIS A 95 -39.87 2.16 -9.91
C HIS A 95 -39.34 3.58 -10.09
N TRP A 96 -38.42 3.98 -9.21
CA TRP A 96 -37.78 5.29 -9.29
C TRP A 96 -37.14 5.48 -10.67
N PHE A 97 -36.43 4.45 -11.14
CA PHE A 97 -35.69 4.54 -12.39
C PHE A 97 -36.61 4.87 -13.56
N PHE A 98 -37.67 4.09 -13.72
CA PHE A 98 -38.58 4.28 -14.85
C PHE A 98 -39.36 5.58 -14.69
N GLU A 99 -39.62 5.96 -13.45
CA GLU A 99 -40.36 7.19 -13.16
C GLU A 99 -39.61 8.42 -13.68
N GLN A 100 -38.28 8.34 -13.71
CA GLN A 100 -37.47 9.44 -14.22
C GLN A 100 -37.67 9.64 -15.73
N GLN A 101 -37.91 8.55 -16.45
CA GLN A 101 -38.01 8.59 -17.91
C GLN A 101 -36.79 9.26 -18.52
N PHE A 102 -35.61 8.78 -18.13
CA PHE A 102 -34.36 9.24 -18.68
C PHE A 102 -34.35 9.11 -20.21
N THR A 103 -33.83 10.13 -20.88
CA THR A 103 -33.54 10.04 -22.30
C THR A 103 -32.54 8.92 -22.53
N ASN A 104 -32.84 8.05 -23.50
CA ASN A 104 -32.01 6.87 -23.76
C ASN A 104 -31.72 6.05 -22.50
N MET A 105 -32.79 5.67 -21.79
CA MET A 105 -32.67 5.01 -20.50
C MET A 105 -32.03 3.62 -20.62
N HIS A 106 -31.97 3.11 -21.84
CA HIS A 106 -31.26 1.87 -22.12
C HIS A 106 -29.77 2.03 -21.88
N HIS A 107 -29.30 3.27 -21.83
CA HIS A 107 -27.90 3.58 -21.53
C HIS A 107 -27.80 4.18 -20.12
N TRP A 108 -27.74 3.29 -19.13
CA TRP A 108 -27.76 3.69 -17.72
C TRP A 108 -27.15 2.55 -16.91
N ASN A 109 -25.83 2.47 -16.93
CA ASN A 109 -25.15 1.25 -16.51
C ASN A 109 -24.16 1.43 -15.38
N GLN A 110 -23.71 0.29 -14.86
CA GLN A 110 -22.49 0.22 -14.08
C GLN A 110 -21.49 -0.59 -14.89
N SER A 111 -20.20 -0.40 -14.61
CA SER A 111 -19.20 -1.16 -15.33
C SER A 111 -17.99 -1.43 -14.45
N TYR A 112 -17.10 -2.29 -14.93
CA TYR A 112 -15.85 -2.59 -14.24
C TYR A 112 -14.88 -3.24 -15.21
N MET A 113 -13.59 -3.08 -14.95
CA MET A 113 -12.57 -3.72 -15.78
C MET A 113 -11.51 -4.39 -14.93
N LEU A 114 -11.28 -5.68 -15.18
CA LEU A 114 -10.29 -6.44 -14.47
C LEU A 114 -9.04 -6.66 -15.32
N TYR A 115 -7.94 -7.01 -14.68
CA TYR A 115 -6.67 -7.16 -15.37
C TYR A 115 -5.92 -8.40 -14.88
N ARG A 116 -5.38 -9.16 -15.83
CA ARG A 116 -4.55 -10.31 -15.53
C ARG A 116 -3.34 -10.30 -16.46
N PRO A 117 -2.15 -10.02 -15.89
CA PRO A 117 -0.88 -9.86 -16.61
C PRO A 117 -0.57 -11.02 -17.55
N ASN A 118 -0.88 -12.23 -17.12
CA ASN A 118 -0.61 -13.42 -17.91
C ASN A 118 -1.73 -13.73 -18.91
N GLY A 119 -2.74 -12.88 -18.95
CA GLY A 119 -3.85 -13.03 -19.88
C GLY A 119 -4.94 -14.00 -19.42
N PHE A 120 -6.14 -13.81 -19.95
CA PHE A 120 -7.25 -14.73 -19.73
C PHE A 120 -7.37 -15.70 -20.89
N ASP A 121 -7.76 -16.93 -20.59
CA ASP A 121 -8.14 -17.89 -21.62
C ASP A 121 -9.58 -17.61 -22.06
N LYS A 122 -9.75 -17.22 -23.32
CA LYS A 122 -11.06 -16.80 -23.81
C LYS A 122 -12.12 -17.90 -23.73
N GLU A 123 -11.76 -19.12 -24.13
CA GLU A 123 -12.70 -20.25 -24.14
C GLU A 123 -13.22 -20.54 -22.73
N ILE A 124 -12.35 -20.42 -21.75
CA ILE A 124 -12.73 -20.59 -20.36
C ILE A 124 -13.68 -19.48 -19.92
N LEU A 125 -13.36 -18.24 -20.28
CA LEU A 125 -14.22 -17.10 -19.98
C LEU A 125 -15.64 -17.31 -20.50
N LEU A 126 -15.76 -17.78 -21.74
CA LEU A 126 -17.08 -18.06 -22.31
C LEU A 126 -17.83 -19.08 -21.48
N ARG A 127 -17.15 -20.16 -21.09
CA ARG A 127 -17.72 -21.16 -20.21
C ARG A 127 -18.15 -20.57 -18.87
N VAL A 128 -17.31 -19.69 -18.33
CA VAL A 128 -17.56 -19.11 -17.01
C VAL A 128 -18.76 -18.18 -17.04
N PHE A 129 -18.84 -17.32 -18.05
CA PHE A 129 -19.96 -16.38 -18.12
C PHE A 129 -21.28 -17.07 -18.47
N ASN A 130 -21.22 -18.18 -19.19
CA ASN A 130 -22.41 -19.00 -19.40
C ASN A 130 -22.95 -19.51 -18.07
N LYS A 131 -22.06 -19.99 -17.20
CA LYS A 131 -22.45 -20.37 -15.85
C LYS A 131 -22.99 -19.18 -15.06
N ILE A 132 -22.29 -18.05 -15.14
CA ILE A 132 -22.68 -16.82 -14.45
C ILE A 132 -24.14 -16.43 -14.73
N VAL A 133 -24.49 -16.27 -16.00
CA VAL A 133 -25.84 -15.79 -16.36
C VAL A 133 -26.88 -16.86 -16.10
N GLU A 134 -26.42 -18.10 -15.98
CA GLU A 134 -27.29 -19.21 -15.61
C GLU A 134 -27.56 -19.20 -14.11
N HIS A 135 -26.48 -19.01 -13.34
CA HIS A 135 -26.55 -19.03 -11.89
C HIS A 135 -27.25 -17.80 -11.33
N HIS A 136 -26.97 -16.64 -11.91
CA HIS A 136 -27.50 -15.38 -11.42
C HIS A 136 -28.63 -14.89 -12.32
N ASP A 137 -29.83 -15.38 -12.02
CA ASP A 137 -30.95 -15.31 -12.94
C ASP A 137 -31.32 -13.89 -13.38
N ALA A 138 -31.15 -12.91 -12.49
CA ALA A 138 -31.56 -11.53 -12.76
C ALA A 138 -30.85 -10.92 -13.97
N LEU A 139 -29.68 -11.46 -14.31
CA LEU A 139 -28.93 -10.95 -15.45
C LEU A 139 -29.65 -11.23 -16.78
N ARG A 140 -30.61 -12.15 -16.75
CA ARG A 140 -31.34 -12.52 -17.97
C ARG A 140 -32.64 -11.73 -18.12
N MET A 141 -32.77 -10.65 -17.37
CA MET A 141 -33.98 -9.85 -17.37
C MET A 141 -34.20 -9.08 -18.67
N ILE A 142 -35.47 -8.89 -19.03
CA ILE A 142 -35.85 -7.95 -20.08
C ILE A 142 -37.03 -7.10 -19.63
N TYR A 143 -37.27 -6.00 -20.33
CA TYR A 143 -38.30 -5.07 -19.93
C TYR A 143 -39.18 -4.70 -21.11
N LYS A 144 -40.48 -4.95 -20.97
CA LYS A 144 -41.44 -4.71 -22.04
C LYS A 144 -42.50 -3.72 -21.62
N HIS A 145 -43.06 -3.01 -22.60
CA HIS A 145 -44.21 -2.15 -22.36
C HIS A 145 -45.46 -2.86 -22.81
N HIS A 146 -46.45 -2.89 -21.93
CA HIS A 146 -47.75 -3.39 -22.29
C HIS A 146 -48.79 -2.53 -21.59
N ASN A 147 -49.44 -1.67 -22.38
CA ASN A 147 -50.53 -0.83 -21.91
C ASN A 147 -50.02 0.34 -21.07
N GLY A 148 -48.94 0.97 -21.52
CA GLY A 148 -48.36 2.09 -20.81
C GLY A 148 -47.67 1.68 -19.52
N LYS A 149 -47.52 0.37 -19.33
CA LYS A 149 -46.88 -0.16 -18.13
C LYS A 149 -45.63 -0.93 -18.50
N ILE A 150 -44.63 -0.87 -17.63
CA ILE A 150 -43.41 -1.63 -17.80
C ILE A 150 -43.65 -3.06 -17.33
N VAL A 151 -43.18 -4.03 -18.10
CA VAL A 151 -43.29 -5.42 -17.66
C VAL A 151 -41.90 -6.06 -17.58
N GLN A 152 -41.48 -6.33 -16.34
CA GLN A 152 -40.19 -6.92 -16.08
C GLN A 152 -40.29 -8.44 -16.18
N ILE A 153 -39.47 -9.03 -17.03
CA ILE A 153 -39.54 -10.47 -17.27
C ILE A 153 -38.17 -11.11 -17.15
N ASN A 154 -38.09 -12.12 -16.31
CA ASN A 154 -36.88 -12.91 -16.20
C ASN A 154 -36.91 -14.02 -17.24
N ARG A 155 -36.03 -13.92 -18.22
CA ARG A 155 -35.91 -14.94 -19.25
C ARG A 155 -35.33 -16.22 -18.68
N GLY A 156 -35.57 -17.34 -19.38
CA GLY A 156 -34.91 -18.59 -19.09
C GLY A 156 -33.62 -18.68 -19.89
N LEU A 157 -33.18 -19.90 -20.18
CA LEU A 157 -31.93 -20.08 -20.91
C LEU A 157 -32.16 -19.99 -22.41
N GLU A 158 -32.86 -18.93 -22.80
CA GLU A 158 -33.22 -18.71 -24.20
C GLU A 158 -32.51 -17.47 -24.74
N GLY A 159 -32.27 -17.46 -26.04
CA GLY A 159 -31.70 -16.30 -26.69
C GLY A 159 -30.28 -16.01 -26.25
N THR A 160 -29.88 -14.76 -26.37
CA THR A 160 -28.53 -14.34 -26.01
C THR A 160 -28.51 -13.74 -24.60
N LEU A 161 -27.69 -14.31 -23.73
CA LEU A 161 -27.66 -13.89 -22.34
C LEU A 161 -26.53 -12.91 -22.06
N PHE A 162 -25.59 -12.82 -22.99
CA PHE A 162 -24.54 -11.81 -22.90
C PHE A 162 -23.79 -11.68 -24.22
N ASP A 163 -23.33 -10.47 -24.54
CA ASP A 163 -22.47 -10.28 -25.70
C ASP A 163 -21.01 -10.26 -25.29
N PHE A 164 -20.17 -10.93 -26.08
CA PHE A 164 -18.75 -11.06 -25.77
C PHE A 164 -17.93 -10.72 -26.99
N TYR A 165 -17.00 -9.77 -26.83
CA TYR A 165 -16.13 -9.36 -27.91
C TYR A 165 -14.68 -9.60 -27.55
N THR A 166 -13.85 -9.86 -28.55
CA THR A 166 -12.41 -10.00 -28.33
C THR A 166 -11.65 -9.05 -29.25
N PHE A 167 -10.83 -8.18 -28.65
CA PHE A 167 -10.03 -7.24 -29.42
C PHE A 167 -8.55 -7.51 -29.22
N ASP A 168 -7.81 -7.60 -30.33
CA ASP A 168 -6.37 -7.83 -30.28
C ASP A 168 -5.60 -6.53 -30.49
N LEU A 169 -5.24 -5.88 -29.39
CA LEU A 169 -4.54 -4.60 -29.45
C LEU A 169 -3.03 -4.76 -29.33
N THR A 170 -2.54 -5.99 -29.47
CA THR A 170 -1.10 -6.26 -29.31
C THR A 170 -0.25 -5.57 -30.37
N ALA A 171 -0.91 -4.98 -31.38
CA ALA A 171 -0.23 -4.27 -32.45
C ALA A 171 -0.48 -2.76 -32.36
N ASN A 172 -1.52 -2.37 -31.61
CA ASN A 172 -1.88 -0.97 -31.50
C ASN A 172 -1.01 -0.23 -30.47
N ASP A 173 -0.71 1.02 -30.76
CA ASP A 173 0.17 1.83 -29.91
C ASP A 173 -0.62 2.79 -29.03
N ASN A 174 -1.93 2.60 -29.01
CA ASN A 174 -2.83 3.50 -28.31
C ASN A 174 -3.92 2.76 -27.56
N GLU A 175 -3.50 1.85 -26.68
CA GLU A 175 -4.41 0.93 -25.98
C GLU A 175 -5.54 1.62 -25.24
N GLN A 176 -5.25 2.74 -24.61
CA GLN A 176 -6.24 3.42 -23.79
C GLN A 176 -7.39 3.98 -24.62
N GLN A 177 -7.06 4.61 -25.74
CA GLN A 177 -8.09 5.20 -26.60
C GLN A 177 -9.04 4.15 -27.16
N VAL A 178 -8.48 3.05 -27.65
CA VAL A 178 -9.27 1.97 -28.23
C VAL A 178 -10.19 1.34 -27.18
N ILE A 179 -9.64 1.09 -25.99
CA ILE A 179 -10.45 0.56 -24.90
C ILE A 179 -11.60 1.51 -24.55
N CYS A 180 -11.32 2.80 -24.51
CA CYS A 180 -12.38 3.77 -24.23
C CYS A 180 -13.42 3.79 -25.35
N GLU A 181 -12.96 3.78 -26.60
CA GLU A 181 -13.89 3.86 -27.73
C GLU A 181 -14.74 2.60 -27.85
N GLU A 182 -14.09 1.44 -27.75
CA GLU A 182 -14.81 0.18 -27.87
C GLU A 182 -15.75 -0.07 -26.69
N SER A 183 -15.28 0.18 -25.47
CA SER A 183 -16.11 -0.05 -24.30
C SER A 183 -17.31 0.90 -24.31
N ALA A 184 -17.10 2.13 -24.76
CA ALA A 184 -18.19 3.09 -24.92
C ALA A 184 -19.27 2.57 -25.88
N ARG A 185 -18.85 1.88 -26.95
CA ARG A 185 -19.80 1.32 -27.91
C ARG A 185 -20.67 0.25 -27.26
N LEU A 186 -20.02 -0.64 -26.51
CA LEU A 186 -20.74 -1.64 -25.72
C LEU A 186 -21.74 -0.96 -24.79
N GLN A 187 -21.28 0.05 -24.07
CA GLN A 187 -22.10 0.79 -23.10
C GLN A 187 -23.37 1.38 -23.73
N ASN A 188 -23.29 1.68 -25.01
CA ASN A 188 -24.40 2.32 -25.73
C ASN A 188 -25.29 1.34 -26.48
N SER A 189 -25.01 0.04 -26.34
CA SER A 189 -25.64 -0.97 -27.20
C SER A 189 -26.62 -1.90 -26.50
N ILE A 190 -27.02 -1.57 -25.28
CA ILE A 190 -27.94 -2.43 -24.53
C ILE A 190 -29.37 -2.23 -25.00
N ASN A 191 -30.05 -3.34 -25.26
CA ASN A 191 -31.45 -3.33 -25.63
C ASN A 191 -32.31 -3.92 -24.51
N LEU A 192 -33.04 -3.07 -23.82
CA LEU A 192 -33.78 -3.49 -22.63
C LEU A 192 -34.94 -4.40 -22.97
N GLU A 193 -35.41 -4.31 -24.21
CA GLU A 193 -36.60 -5.07 -24.62
C GLU A 193 -36.32 -6.54 -24.90
N VAL A 194 -35.17 -6.85 -25.50
CA VAL A 194 -34.88 -8.24 -25.88
C VAL A 194 -33.59 -8.79 -25.25
N GLY A 195 -32.81 -7.91 -24.64
CA GLY A 195 -31.54 -8.30 -24.05
C GLY A 195 -30.48 -8.52 -25.11
N PRO A 196 -29.25 -8.85 -24.68
CA PRO A 196 -28.83 -9.01 -23.28
C PRO A 196 -28.51 -7.69 -22.58
N LEU A 197 -28.51 -7.70 -21.25
CA LEU A 197 -28.21 -6.50 -20.49
C LEU A 197 -26.74 -6.54 -20.02
N VAL A 198 -26.05 -7.60 -20.41
CA VAL A 198 -24.65 -7.81 -20.04
C VAL A 198 -23.74 -7.72 -21.28
N LYS A 199 -22.82 -6.77 -21.26
CA LYS A 199 -21.88 -6.56 -22.37
C LYS A 199 -20.44 -6.80 -21.90
N ILE A 200 -19.71 -7.62 -22.64
CA ILE A 200 -18.37 -8.00 -22.22
C ILE A 200 -17.37 -7.87 -23.35
N ALA A 201 -16.22 -7.28 -23.05
CA ALA A 201 -15.13 -7.17 -24.01
C ALA A 201 -13.83 -7.62 -23.39
N LEU A 202 -13.09 -8.45 -24.12
CA LEU A 202 -11.76 -8.89 -23.71
C LEU A 202 -10.70 -8.23 -24.57
N PHE A 203 -9.80 -7.47 -23.94
CA PHE A 203 -8.72 -6.80 -24.68
C PHE A 203 -7.37 -7.47 -24.44
N HIS A 204 -6.76 -7.96 -25.51
CA HIS A 204 -5.40 -8.49 -25.42
C HIS A 204 -4.42 -7.35 -25.65
N THR A 205 -3.45 -7.22 -24.75
CA THR A 205 -2.43 -6.16 -24.89
C THR A 205 -1.04 -6.70 -24.60
N GLN A 206 -0.06 -5.79 -24.65
CA GLN A 206 1.34 -6.13 -24.47
C GLN A 206 1.71 -6.39 -23.01
N ASN A 207 0.86 -5.93 -22.09
CA ASN A 207 1.11 -6.15 -20.66
C ASN A 207 0.11 -7.11 -20.04
N GLY A 208 -0.71 -7.75 -20.87
CA GLY A 208 -1.72 -8.69 -20.39
C GLY A 208 -3.11 -8.39 -20.88
N ASP A 209 -4.10 -9.08 -20.32
CA ASP A 209 -5.48 -8.93 -20.77
C ASP A 209 -6.32 -8.08 -19.83
N HIS A 210 -7.22 -7.30 -20.44
CA HIS A 210 -8.14 -6.47 -19.72
C HIS A 210 -9.57 -6.89 -20.02
N LEU A 211 -10.29 -7.26 -18.98
CA LEU A 211 -11.65 -7.78 -19.12
C LEU A 211 -12.65 -6.71 -18.72
N PHE A 212 -13.32 -6.12 -19.71
CA PHE A 212 -14.29 -5.06 -19.47
C PHE A 212 -15.70 -5.64 -19.38
N MET A 213 -16.49 -5.10 -18.45
CA MET A 213 -17.86 -5.53 -18.25
C MET A 213 -18.78 -4.33 -18.07
N ALA A 214 -19.87 -4.29 -18.82
CA ALA A 214 -20.90 -3.27 -18.63
C ALA A 214 -22.26 -3.93 -18.45
N ILE A 215 -22.93 -3.60 -17.36
CA ILE A 215 -24.23 -4.18 -17.06
C ILE A 215 -25.22 -3.06 -16.75
N HIS A 216 -26.41 -3.13 -17.35
CA HIS A 216 -27.42 -2.13 -17.08
C HIS A 216 -27.75 -2.16 -15.59
N HIS A 217 -28.00 -0.98 -15.02
CA HIS A 217 -28.18 -0.87 -13.58
C HIS A 217 -29.43 -1.58 -13.08
N LEU A 218 -30.38 -1.81 -13.97
CA LEU A 218 -31.64 -2.45 -13.58
C LEU A 218 -31.46 -3.83 -12.93
N VAL A 219 -30.33 -4.49 -13.19
CA VAL A 219 -30.10 -5.84 -12.69
C VAL A 219 -28.80 -6.02 -11.91
N VAL A 220 -28.22 -4.93 -11.42
CA VAL A 220 -26.94 -5.04 -10.72
C VAL A 220 -26.76 -3.92 -9.70
N ASP A 221 -25.88 -4.15 -8.71
CA ASP A 221 -25.45 -3.10 -7.79
C ASP A 221 -24.09 -3.48 -7.20
N GLY A 222 -23.57 -2.62 -6.32
CA GLY A 222 -22.25 -2.80 -5.74
C GLY A 222 -21.93 -4.15 -5.12
N ILE A 223 -22.86 -4.69 -4.35
CA ILE A 223 -22.71 -6.02 -3.77
C ILE A 223 -22.79 -7.11 -4.84
N SER A 224 -23.69 -6.94 -5.80
CA SER A 224 -23.80 -7.88 -6.92
C SER A 224 -22.48 -8.02 -7.67
N TRP A 225 -21.80 -6.89 -7.89
CA TRP A 225 -20.50 -6.92 -8.55
C TRP A 225 -19.47 -7.74 -7.78
N ARG A 226 -19.46 -7.58 -6.46
CA ARG A 226 -18.57 -8.35 -5.61
C ARG A 226 -18.82 -9.84 -5.75
N ILE A 227 -20.10 -10.20 -5.79
CA ILE A 227 -20.51 -11.59 -5.94
C ILE A 227 -20.05 -12.15 -7.29
N LEU A 228 -20.24 -11.38 -8.34
CA LEU A 228 -19.83 -11.77 -9.67
C LEU A 228 -18.33 -12.00 -9.76
N PHE A 229 -17.57 -11.12 -9.14
CA PHE A 229 -16.11 -11.20 -9.14
C PHE A 229 -15.66 -12.51 -8.49
N GLU A 230 -16.30 -12.86 -7.38
CA GLU A 230 -15.97 -14.10 -6.68
C GLU A 230 -16.25 -15.33 -7.54
N ASP A 231 -17.44 -15.38 -8.15
CA ASP A 231 -17.83 -16.52 -8.94
C ASP A 231 -17.03 -16.59 -10.24
N LEU A 232 -16.61 -15.43 -10.74
CA LEU A 232 -15.72 -15.37 -11.89
C LEU A 232 -14.39 -16.08 -11.58
N ALA A 233 -13.79 -15.73 -10.45
CA ALA A 233 -12.52 -16.32 -10.05
C ALA A 233 -12.65 -17.81 -9.73
N THR A 234 -13.74 -18.17 -9.05
CA THR A 234 -13.96 -19.55 -8.64
C THR A 234 -14.12 -20.48 -9.85
N ALA A 235 -15.02 -20.12 -10.75
CA ALA A 235 -15.28 -20.93 -11.94
C ALA A 235 -14.05 -20.98 -12.84
N TYR A 236 -13.34 -19.87 -12.97
CA TYR A 236 -12.15 -19.84 -13.80
C TYR A 236 -11.09 -20.77 -13.25
N GLU A 237 -10.89 -20.73 -11.94
CA GLU A 237 -9.87 -21.55 -11.28
C GLU A 237 -10.17 -23.03 -11.43
N GLN A 238 -11.45 -23.37 -11.34
CA GLN A 238 -11.90 -24.73 -11.57
C GLN A 238 -11.59 -25.17 -13.00
N ALA A 239 -11.95 -24.32 -13.96
CA ALA A 239 -11.77 -24.64 -15.37
C ALA A 239 -10.30 -24.84 -15.74
N MET A 240 -9.42 -23.97 -15.26
CA MET A 240 -8.01 -24.06 -15.61
C MET A 240 -7.34 -25.26 -14.93
N HIS A 241 -8.02 -25.83 -13.93
CA HIS A 241 -7.54 -27.04 -13.28
C HIS A 241 -8.32 -28.26 -13.77
N GLN A 242 -9.04 -28.08 -14.87
CA GLN A 242 -9.80 -29.16 -15.49
C GLN A 242 -10.81 -29.80 -14.54
N GLN A 243 -11.40 -28.97 -13.68
CA GLN A 243 -12.48 -29.41 -12.79
C GLN A 243 -13.84 -28.96 -13.32
N THR A 244 -14.90 -29.62 -12.89
CA THR A 244 -16.25 -29.21 -13.23
C THR A 244 -16.57 -27.85 -12.61
N ILE A 245 -17.04 -26.91 -13.42
CA ILE A 245 -17.43 -25.59 -12.89
C ILE A 245 -18.63 -25.72 -11.97
N ALA A 246 -18.49 -25.19 -10.75
CA ALA A 246 -19.52 -25.34 -9.72
C ALA A 246 -19.56 -24.14 -8.79
N LEU A 247 -20.69 -23.44 -8.79
CA LEU A 247 -20.85 -22.25 -7.98
C LEU A 247 -21.57 -22.55 -6.67
N PRO A 248 -21.44 -21.65 -5.68
CA PRO A 248 -22.12 -21.86 -4.39
C PRO A 248 -23.62 -21.90 -4.55
N GLU A 249 -24.32 -22.50 -3.60
CA GLU A 249 -25.77 -22.55 -3.61
C GLU A 249 -26.39 -21.16 -3.84
N LYS A 250 -27.46 -21.10 -4.62
CA LYS A 250 -28.19 -19.84 -4.81
C LYS A 250 -28.86 -19.42 -3.52
N THR A 251 -28.85 -18.13 -3.23
CA THR A 251 -29.75 -17.59 -2.22
C THR A 251 -31.04 -17.24 -2.94
N ASP A 252 -31.93 -16.50 -2.27
CA ASP A 252 -33.25 -16.23 -2.83
C ASP A 252 -33.22 -15.43 -4.13
N SER A 253 -34.04 -15.83 -5.09
CA SER A 253 -34.11 -15.16 -6.39
C SER A 253 -34.64 -13.75 -6.26
N PHE A 254 -34.31 -12.91 -7.24
CA PHE A 254 -34.84 -11.55 -7.25
C PHE A 254 -36.36 -11.61 -7.33
N LYS A 255 -36.85 -12.58 -8.10
CA LYS A 255 -38.29 -12.81 -8.26
C LYS A 255 -38.97 -13.07 -6.92
N ASP A 256 -38.44 -14.03 -6.17
CA ASP A 256 -39.01 -14.38 -4.88
C ASP A 256 -38.93 -13.22 -3.90
N TRP A 257 -37.81 -12.50 -3.94
CA TRP A 257 -37.61 -11.32 -3.10
C TRP A 257 -38.67 -10.25 -3.39
N SER A 258 -38.85 -9.92 -4.67
CA SER A 258 -39.85 -8.92 -5.08
C SER A 258 -41.26 -9.30 -4.63
N ILE A 259 -41.61 -10.57 -4.82
CA ILE A 259 -42.90 -11.10 -4.38
C ILE A 259 -43.15 -10.87 -2.88
N GLU A 260 -42.14 -11.16 -2.07
CA GLU A 260 -42.30 -10.98 -0.63
C GLU A 260 -42.23 -9.51 -0.23
N LEU A 261 -41.45 -8.72 -0.97
CA LEU A 261 -41.35 -7.29 -0.70
C LEU A 261 -42.70 -6.60 -0.92
N GLU A 262 -43.43 -6.99 -1.95
CA GLU A 262 -44.74 -6.40 -2.22
C GLU A 262 -45.76 -6.84 -1.18
N LYS A 263 -45.64 -8.07 -0.70
CA LYS A 263 -46.48 -8.52 0.41
C LYS A 263 -46.23 -7.67 1.65
N TYR A 264 -44.95 -7.50 1.98
CA TYR A 264 -44.53 -6.67 3.10
C TYR A 264 -45.07 -5.24 3.02
N ALA A 265 -45.01 -4.68 1.81
CA ALA A 265 -45.45 -3.30 1.55
C ALA A 265 -46.89 -3.03 1.99
N ASN A 266 -47.72 -4.07 2.00
CA ASN A 266 -49.11 -3.94 2.37
C ASN A 266 -49.45 -4.62 3.68
N SER A 267 -48.43 -5.06 4.41
CA SER A 267 -48.66 -5.79 5.65
C SER A 267 -48.94 -4.82 6.78
N GLU A 268 -49.78 -5.26 7.71
CA GLU A 268 -50.22 -4.44 8.82
C GLU A 268 -49.06 -3.91 9.65
N LEU A 269 -48.09 -4.78 9.91
CA LEU A 269 -46.95 -4.41 10.75
C LEU A 269 -46.13 -3.29 10.13
N PHE A 270 -45.94 -3.32 8.82
CA PHE A 270 -45.13 -2.32 8.15
C PHE A 270 -45.84 -0.96 8.08
N LEU A 271 -47.16 -0.97 7.97
CA LEU A 271 -47.93 0.27 7.85
C LEU A 271 -47.80 1.14 9.10
N GLU A 272 -47.51 0.49 10.24
CA GLU A 272 -47.34 1.19 11.49
C GLU A 272 -46.11 2.11 11.49
N GLU A 273 -45.22 1.88 10.54
CA GLU A 273 -43.99 2.66 10.44
C GLU A 273 -44.23 4.06 9.85
N ALA A 274 -45.40 4.25 9.23
CA ALA A 274 -45.72 5.48 8.54
C ALA A 274 -45.56 6.72 9.43
N GLU A 275 -45.89 6.57 10.70
CA GLU A 275 -45.85 7.68 11.66
C GLU A 275 -44.46 8.28 11.78
N TYR A 276 -43.42 7.44 11.78
CA TYR A 276 -42.06 7.96 11.91
C TYR A 276 -41.70 8.92 10.79
N TRP A 277 -42.09 8.61 9.57
CA TRP A 277 -41.66 9.40 8.43
C TRP A 277 -42.29 10.79 8.36
N HIS A 278 -43.24 11.07 9.25
CA HIS A 278 -43.87 12.39 9.33
C HIS A 278 -42.91 13.49 9.80
N HIS A 279 -41.79 13.11 10.43
CA HIS A 279 -40.84 14.10 10.90
C HIS A 279 -40.20 14.88 9.74
N LEU A 280 -40.32 14.33 8.53
CA LEU A 280 -39.79 14.99 7.34
C LEU A 280 -40.57 16.27 7.02
N ASN A 281 -41.82 16.33 7.47
CA ASN A 281 -42.68 17.47 7.22
C ASN A 281 -42.21 18.76 7.90
N TYR A 282 -41.35 18.63 8.90
CA TYR A 282 -40.78 19.80 9.57
C TYR A 282 -39.58 20.37 8.82
N TYR A 283 -39.16 19.72 7.75
CA TYR A 283 -37.94 20.11 7.07
C TYR A 283 -38.11 20.29 5.56
N THR A 284 -39.35 20.43 5.10
CA THR A 284 -39.62 20.49 3.65
C THR A 284 -39.01 21.74 3.02
N ASP A 285 -38.73 22.75 3.82
CA ASP A 285 -38.10 23.93 3.26
C ASP A 285 -36.64 24.04 3.75
N ASN A 286 -36.06 22.88 4.01
CA ASN A 286 -34.62 22.74 4.30
C ASN A 286 -33.98 21.80 3.29
N VAL A 287 -34.30 22.00 2.02
CA VAL A 287 -33.92 21.05 0.99
C VAL A 287 -32.96 21.65 -0.03
N GLN A 288 -33.24 22.88 -0.45
CA GLN A 288 -32.43 23.50 -1.48
C GLN A 288 -31.20 24.22 -0.91
N ILE A 289 -30.08 24.08 -1.60
CA ILE A 289 -28.85 24.79 -1.22
C ILE A 289 -28.58 25.92 -2.20
N LYS A 290 -27.72 26.86 -1.83
CA LYS A 290 -27.39 27.93 -2.75
C LYS A 290 -26.54 27.41 -3.91
N LYS A 291 -26.85 27.88 -5.11
CA LYS A 291 -26.04 27.59 -6.28
C LYS A 291 -25.33 28.86 -6.73
N ASP A 292 -24.23 28.70 -7.46
CA ASP A 292 -23.56 29.86 -8.04
C ASP A 292 -24.42 30.46 -9.15
N TYR A 293 -25.05 29.59 -9.95
CA TYR A 293 -25.80 30.04 -11.11
C TYR A 293 -27.10 29.29 -11.32
N VAL A 294 -27.98 29.90 -12.11
CA VAL A 294 -29.20 29.26 -12.57
C VAL A 294 -28.97 28.72 -13.99
N THR A 295 -29.45 27.51 -14.26
CA THR A 295 -29.22 26.91 -15.56
C THR A 295 -30.38 26.03 -16.00
N MET A 296 -30.60 25.95 -17.30
CA MET A 296 -31.61 25.06 -17.86
C MET A 296 -30.95 23.80 -18.40
N ASN A 297 -29.63 23.86 -18.59
CA ASN A 297 -28.87 22.71 -19.08
C ASN A 297 -28.59 21.71 -17.96
N ASN A 298 -29.46 20.70 -17.84
CA ASN A 298 -29.34 19.73 -16.77
C ASN A 298 -29.24 18.30 -17.31
N LYS A 299 -28.13 18.02 -18.00
CA LYS A 299 -27.88 16.71 -18.57
C LYS A 299 -26.55 16.19 -18.05
N GLN A 300 -26.36 14.87 -18.14
CA GLN A 300 -25.16 14.21 -17.62
C GLN A 300 -23.89 14.78 -18.23
N LYS A 301 -23.96 15.23 -19.48
CA LYS A 301 -22.78 15.76 -20.13
C LYS A 301 -22.34 17.08 -19.50
N ASN A 302 -23.22 17.69 -18.72
CA ASN A 302 -22.90 18.93 -18.01
C ASN A 302 -22.35 18.70 -16.62
N ILE A 303 -22.15 17.44 -16.24
CA ILE A 303 -21.69 17.12 -14.89
C ILE A 303 -20.17 16.97 -14.83
N ARG A 304 -19.58 17.58 -13.81
CA ARG A 304 -18.15 17.42 -13.54
C ARG A 304 -18.00 16.99 -12.09
N TYR A 305 -16.78 16.69 -11.68
CA TYR A 305 -16.57 16.38 -10.27
C TYR A 305 -15.26 16.85 -9.70
N VAL A 306 -15.29 17.09 -8.39
CA VAL A 306 -14.08 17.33 -7.60
C VAL A 306 -13.83 16.14 -6.68
N GLY A 307 -12.58 15.69 -6.61
CA GLY A 307 -12.23 14.56 -5.76
C GLY A 307 -11.33 14.89 -4.58
N MET A 308 -11.48 14.11 -3.51
CA MET A 308 -10.56 14.14 -2.37
C MET A 308 -10.22 12.72 -1.97
N GLU A 309 -9.13 12.56 -1.25
CA GLU A 309 -8.76 11.26 -0.75
C GLU A 309 -7.91 11.37 0.50
N LEU A 310 -7.97 10.32 1.33
CA LEU A 310 -7.12 10.22 2.50
C LEU A 310 -5.96 9.29 2.19
N THR A 311 -4.90 9.36 2.99
CA THR A 311 -3.81 8.41 2.88
C THR A 311 -4.25 7.05 3.39
N ILE A 312 -3.40 6.04 3.23
CA ILE A 312 -3.70 4.72 3.77
C ILE A 312 -3.77 4.77 5.30
N GLU A 313 -2.86 5.52 5.92
CA GLU A 313 -2.84 5.66 7.37
C GLU A 313 -4.13 6.29 7.90
N GLU A 314 -4.55 7.38 7.26
CA GLU A 314 -5.78 8.07 7.66
C GLU A 314 -7.00 7.16 7.48
N THR A 315 -7.03 6.41 6.38
CA THR A 315 -8.15 5.50 6.14
C THR A 315 -8.17 4.35 7.15
N GLU A 316 -6.99 3.84 7.52
CA GLU A 316 -6.89 2.77 8.51
C GLU A 316 -7.49 3.20 9.84
N LYS A 317 -7.21 4.44 10.25
CA LYS A 317 -7.77 5.00 11.47
C LYS A 317 -9.30 5.02 11.38
N LEU A 318 -9.81 5.48 10.24
CA LEU A 318 -11.25 5.58 10.03
C LEU A 318 -11.92 4.20 10.13
N LEU A 319 -11.34 3.22 9.46
CA LEU A 319 -11.93 1.89 9.39
C LEU A 319 -11.82 1.11 10.70
N LYS A 320 -10.75 1.34 11.45
CA LYS A 320 -10.41 0.43 12.55
C LYS A 320 -10.37 1.06 13.94
N ASN A 321 -10.10 2.36 14.06
CA ASN A 321 -9.88 2.93 15.37
C ASN A 321 -10.71 4.18 15.68
N VAL A 322 -11.81 4.35 14.95
CA VAL A 322 -12.66 5.53 15.14
C VAL A 322 -14.02 5.20 15.76
N ASN A 323 -14.63 4.14 15.26
CA ASN A 323 -15.98 3.78 15.69
C ASN A 323 -16.07 3.40 17.18
N LYS A 324 -14.93 3.04 17.77
CA LYS A 324 -14.90 2.68 19.18
C LYS A 324 -15.22 3.87 20.08
N ALA A 325 -14.98 5.08 19.58
CA ALA A 325 -15.17 6.29 20.36
C ALA A 325 -16.61 6.49 20.83
N TYR A 326 -17.56 6.18 19.97
CA TYR A 326 -18.98 6.36 20.30
C TYR A 326 -19.81 5.16 19.90
N ARG A 327 -19.12 4.04 19.66
CA ARG A 327 -19.76 2.82 19.22
C ARG A 327 -20.59 3.09 17.97
N THR A 328 -19.97 3.77 17.00
CA THR A 328 -20.63 4.18 15.76
C THR A 328 -20.40 3.23 14.60
N GLU A 329 -21.02 3.56 13.48
CA GLU A 329 -20.72 2.93 12.19
C GLU A 329 -20.25 4.04 11.24
N ILE A 330 -19.58 3.67 10.16
CA ILE A 330 -18.92 4.66 9.31
C ILE A 330 -19.89 5.73 8.76
N ASN A 331 -21.14 5.37 8.50
CA ASN A 331 -22.15 6.36 8.12
C ASN A 331 -22.27 7.52 9.11
N ASP A 332 -22.24 7.20 10.40
CA ASP A 332 -22.32 8.22 11.44
C ASP A 332 -21.22 9.26 11.25
N ILE A 333 -20.01 8.76 11.06
CA ILE A 333 -18.82 9.59 10.91
C ILE A 333 -18.84 10.43 9.63
N LEU A 334 -19.13 9.78 8.51
CA LEU A 334 -19.12 10.46 7.22
C LEU A 334 -20.19 11.54 7.13
N LEU A 335 -21.36 11.25 7.67
CA LEU A 335 -22.46 12.22 7.60
C LEU A 335 -22.27 13.35 8.59
N THR A 336 -21.61 13.08 9.71
CA THR A 336 -21.28 14.12 10.68
C THR A 336 -20.31 15.12 10.04
N ALA A 337 -19.33 14.59 9.30
CA ALA A 337 -18.37 15.42 8.58
C ALA A 337 -19.07 16.25 7.51
N LEU A 338 -20.08 15.68 6.87
CA LEU A 338 -20.84 16.41 5.86
C LEU A 338 -21.62 17.56 6.49
N GLY A 339 -22.19 17.31 7.67
CA GLY A 339 -22.90 18.34 8.39
C GLY A 339 -22.01 19.55 8.65
N PHE A 340 -20.81 19.30 9.19
CA PHE A 340 -19.86 20.37 9.42
C PHE A 340 -19.44 21.06 8.13
N ALA A 341 -19.17 20.27 7.09
CA ALA A 341 -18.73 20.82 5.80
C ALA A 341 -19.77 21.77 5.20
N LEU A 342 -21.04 21.36 5.25
CA LEU A 342 -22.11 22.16 4.68
C LEU A 342 -22.36 23.42 5.50
N LYS A 343 -22.10 23.34 6.80
CA LYS A 343 -22.26 24.50 7.68
C LYS A 343 -21.22 25.56 7.37
N GLU A 344 -19.97 25.14 7.20
CA GLU A 344 -18.88 26.08 6.91
C GLU A 344 -18.94 26.57 5.46
N TRP A 345 -19.48 25.76 4.56
CA TRP A 345 -19.46 26.06 3.14
C TRP A 345 -20.60 26.97 2.70
N ALA A 346 -21.79 26.74 3.26
CA ALA A 346 -22.97 27.47 2.81
C ALA A 346 -23.77 28.08 3.96
N ASP A 347 -23.20 28.06 5.17
CA ASP A 347 -23.87 28.58 6.36
C ASP A 347 -25.24 27.94 6.57
N ILE A 348 -25.28 26.61 6.43
CA ILE A 348 -26.51 25.86 6.57
C ILE A 348 -26.58 25.21 7.95
N ASP A 349 -27.75 25.24 8.57
CA ASP A 349 -27.94 24.65 9.89
C ASP A 349 -28.72 23.35 9.82
N LYS A 350 -29.70 23.29 8.92
CA LYS A 350 -30.47 22.08 8.70
C LYS A 350 -30.58 21.81 7.21
N ILE A 351 -30.44 20.54 6.83
CA ILE A 351 -30.60 20.17 5.44
C ILE A 351 -31.00 18.69 5.30
N VAL A 352 -31.86 18.43 4.32
CA VAL A 352 -32.29 17.08 4.02
C VAL A 352 -31.51 16.53 2.85
N ILE A 353 -30.91 15.37 3.04
CA ILE A 353 -30.18 14.72 1.97
C ILE A 353 -30.85 13.42 1.58
N ASN A 354 -30.47 12.89 0.43
CA ASN A 354 -30.85 11.56 0.01
C ASN A 354 -29.70 10.61 0.32
N LEU A 355 -29.96 9.62 1.16
CA LEU A 355 -28.94 8.65 1.54
C LEU A 355 -29.19 7.31 0.86
N GLU A 356 -28.17 6.78 0.20
CA GLU A 356 -28.29 5.45 -0.39
C GLU A 356 -27.75 4.38 0.56
N GLY A 357 -28.42 3.23 0.59
CA GLY A 357 -27.97 2.07 1.36
C GLY A 357 -27.99 0.83 0.49
N HIS A 358 -27.34 -0.24 0.91
CA HIS A 358 -27.30 -1.45 0.09
C HIS A 358 -28.69 -2.07 -0.03
N GLY A 359 -29.55 -1.76 0.94
CA GLY A 359 -30.95 -2.15 0.87
C GLY A 359 -31.24 -3.61 1.20
N ARG A 360 -30.23 -4.36 1.58
CA ARG A 360 -30.43 -5.78 1.90
C ARG A 360 -30.67 -5.95 3.40
N GLU A 361 -31.81 -5.45 3.87
CA GLU A 361 -32.15 -5.52 5.28
C GLU A 361 -32.97 -6.75 5.59
N GLU A 362 -32.71 -7.36 6.74
CA GLU A 362 -33.44 -8.55 7.15
C GLU A 362 -34.83 -8.17 7.66
N ILE A 363 -35.63 -7.57 6.78
CA ILE A 363 -36.98 -7.14 7.10
C ILE A 363 -37.98 -8.21 6.74
N LEU A 364 -37.63 -8.99 5.72
CA LEU A 364 -38.44 -10.12 5.32
C LEU A 364 -37.89 -11.32 6.07
N GLU A 365 -38.80 -12.11 6.63
CA GLU A 365 -38.50 -13.20 7.56
C GLU A 365 -37.28 -14.05 7.28
N GLN A 366 -37.50 -15.24 6.73
CA GLN A 366 -36.41 -16.15 6.46
C GLN A 366 -35.89 -15.94 5.04
N MET A 367 -36.15 -14.77 4.47
CA MET A 367 -35.60 -14.45 3.16
C MET A 367 -34.11 -14.19 3.30
N ASN A 368 -33.36 -14.69 2.33
CA ASN A 368 -31.92 -14.51 2.31
C ASN A 368 -31.48 -14.12 0.91
N ILE A 369 -30.95 -12.91 0.77
CA ILE A 369 -30.47 -12.44 -0.52
C ILE A 369 -29.01 -12.01 -0.42
N ALA A 370 -28.30 -12.60 0.54
CA ALA A 370 -26.91 -12.25 0.79
C ALA A 370 -26.03 -12.51 -0.42
N ARG A 371 -26.47 -13.42 -1.29
CA ARG A 371 -25.68 -13.76 -2.45
C ARG A 371 -26.46 -13.60 -3.76
N THR A 372 -27.44 -12.71 -3.76
CA THR A 372 -28.28 -12.53 -4.94
C THR A 372 -27.86 -11.32 -5.76
N VAL A 373 -27.75 -11.52 -7.06
CA VAL A 373 -27.44 -10.44 -7.98
C VAL A 373 -28.73 -9.70 -8.34
N GLY A 374 -28.69 -8.37 -8.22
CA GLY A 374 -29.83 -7.54 -8.60
C GLY A 374 -29.61 -6.11 -8.16
N TRP A 375 -30.62 -5.26 -8.38
CA TRP A 375 -30.54 -3.87 -7.95
C TRP A 375 -31.32 -3.70 -6.65
N PHE A 376 -30.63 -3.81 -5.52
CA PHE A 376 -31.31 -3.79 -4.22
C PHE A 376 -31.21 -2.45 -3.51
N THR A 377 -30.43 -1.53 -4.09
CA THR A 377 -30.17 -0.22 -3.50
C THR A 377 -31.42 0.47 -2.95
N SER A 378 -31.32 0.92 -1.70
CA SER A 378 -32.36 1.73 -1.10
C SER A 378 -31.91 3.19 -1.05
N GLN A 379 -32.88 4.09 -1.04
CA GLN A 379 -32.58 5.50 -0.85
C GLN A 379 -33.68 6.12 0.01
N TYR A 380 -33.31 7.13 0.79
CA TYR A 380 -34.27 7.73 1.72
C TYR A 380 -33.76 9.07 2.24
N PRO A 381 -34.70 9.95 2.63
CA PRO A 381 -34.34 11.29 3.09
C PRO A 381 -33.76 11.24 4.51
N VAL A 382 -32.62 11.86 4.71
CA VAL A 382 -32.02 11.97 6.03
C VAL A 382 -31.84 13.43 6.41
N VAL A 383 -32.20 13.78 7.64
CA VAL A 383 -32.05 15.15 8.10
C VAL A 383 -30.74 15.34 8.85
N LEU A 384 -29.91 16.28 8.39
CA LEU A 384 -28.71 16.66 9.11
C LEU A 384 -28.99 17.94 9.89
N ASP A 385 -28.68 17.91 11.19
CA ASP A 385 -28.99 19.03 12.07
C ASP A 385 -27.73 19.55 12.78
N MET A 386 -27.29 20.75 12.41
CA MET A 386 -26.11 21.36 13.03
C MET A 386 -26.50 22.33 14.15
N GLN A 387 -26.31 21.88 15.40
CA GLN A 387 -26.64 22.68 16.57
C GLN A 387 -25.41 23.29 17.24
N LYS A 388 -24.54 22.45 17.80
CA LYS A 388 -23.32 22.92 18.48
C LYS A 388 -22.08 22.69 17.63
N SER A 389 -21.63 23.71 16.92
CA SER A 389 -20.50 23.52 16.02
C SER A 389 -19.19 23.31 16.79
N ASP A 390 -19.17 23.72 18.05
CA ASP A 390 -17.96 23.61 18.86
C ASP A 390 -17.77 22.23 19.48
N ASP A 391 -18.88 21.53 19.71
CA ASP A 391 -18.82 20.26 20.42
C ASP A 391 -18.94 19.07 19.46
N LEU A 392 -17.85 18.35 19.27
CA LEU A 392 -17.86 17.15 18.42
C LEU A 392 -18.65 16.02 19.06
N SER A 393 -18.43 15.81 20.36
CA SER A 393 -19.08 14.73 21.09
C SER A 393 -20.59 14.82 20.94
N TYR A 394 -21.11 16.04 21.03
CA TYR A 394 -22.54 16.26 20.93
C TYR A 394 -23.05 15.96 19.52
N GLN A 395 -22.35 16.47 18.51
CA GLN A 395 -22.77 16.31 17.13
C GLN A 395 -22.72 14.86 16.67
N ILE A 396 -21.63 14.17 16.98
CA ILE A 396 -21.50 12.78 16.61
C ILE A 396 -22.59 11.93 17.25
N LYS A 397 -22.86 12.17 18.53
CA LYS A 397 -23.90 11.43 19.23
C LYS A 397 -25.28 11.81 18.70
N LEU A 398 -25.45 13.06 18.29
CA LEU A 398 -26.69 13.49 17.67
C LEU A 398 -26.91 12.79 16.33
N MET A 399 -25.87 12.73 15.50
CA MET A 399 -25.99 12.08 14.20
C MET A 399 -26.26 10.60 14.39
N LYS A 400 -25.58 9.99 15.35
CA LYS A 400 -25.76 8.58 15.66
C LYS A 400 -27.22 8.28 16.04
N GLU A 401 -27.78 9.02 16.97
CA GLU A 401 -29.14 8.81 17.41
C GLU A 401 -30.15 9.05 16.33
N ASN A 402 -29.88 10.05 15.52
CA ASN A 402 -30.73 10.37 14.38
C ASN A 402 -30.83 9.20 13.40
N LEU A 403 -29.70 8.56 13.13
CA LEU A 403 -29.69 7.42 12.21
C LEU A 403 -30.31 6.18 12.83
N ARG A 404 -30.19 6.05 14.15
CA ARG A 404 -30.76 4.89 14.84
C ARG A 404 -32.28 5.00 14.99
N ARG A 405 -32.81 6.21 14.95
CA ARG A 405 -34.25 6.42 15.03
C ARG A 405 -34.93 6.04 13.72
N ILE A 406 -34.13 5.89 12.66
CA ILE A 406 -34.65 5.41 11.39
C ILE A 406 -34.89 3.91 11.43
N PRO A 407 -36.14 3.48 11.25
CA PRO A 407 -36.44 2.04 11.28
C PRO A 407 -35.87 1.29 10.07
N ASN A 408 -35.22 0.15 10.32
CA ASN A 408 -34.75 -0.75 9.28
C ASN A 408 -33.90 -0.11 8.19
N LYS A 409 -33.02 0.80 8.60
CA LYS A 409 -32.11 1.46 7.68
C LYS A 409 -32.81 2.23 6.55
N GLY A 410 -34.00 2.75 6.84
CA GLY A 410 -34.72 3.61 5.90
C GLY A 410 -35.29 2.93 4.66
N ILE A 411 -35.29 1.60 4.63
CA ILE A 411 -35.74 0.87 3.45
C ILE A 411 -37.23 1.12 3.19
N GLY A 412 -37.96 1.41 4.26
CA GLY A 412 -39.41 1.53 4.18
C GLY A 412 -39.94 2.72 3.41
N TYR A 413 -39.18 3.81 3.35
CA TYR A 413 -39.72 5.03 2.78
C TYR A 413 -40.15 4.84 1.32
N GLU A 414 -39.26 4.31 0.50
CA GLU A 414 -39.57 4.12 -0.91
C GLU A 414 -40.44 2.89 -1.15
N ILE A 415 -40.56 2.02 -0.15
CA ILE A 415 -41.54 0.95 -0.20
C ILE A 415 -42.94 1.56 -0.12
N PHE A 416 -43.15 2.43 0.86
CA PHE A 416 -44.36 3.24 0.96
C PHE A 416 -44.65 4.00 -0.34
N LYS A 417 -43.61 4.59 -0.92
CA LYS A 417 -43.76 5.51 -2.04
C LYS A 417 -44.10 4.80 -3.36
N TYR A 418 -43.64 3.57 -3.53
CA TYR A 418 -43.79 2.89 -4.82
C TYR A 418 -44.54 1.56 -4.79
N LEU A 419 -44.52 0.85 -3.67
CA LEU A 419 -45.06 -0.51 -3.64
C LEU A 419 -46.42 -0.64 -2.95
N THR A 420 -46.63 0.05 -1.83
CA THR A 420 -47.89 -0.04 -1.10
C THR A 420 -49.07 0.37 -2.00
N THR A 421 -50.12 -0.44 -2.03
CA THR A 421 -51.27 -0.13 -2.88
C THR A 421 -51.96 1.12 -2.37
N GLU A 422 -52.65 1.79 -3.28
CA GLU A 422 -53.19 3.13 -3.04
C GLU A 422 -54.00 3.27 -1.74
N TYR A 423 -54.90 2.33 -1.46
CA TYR A 423 -55.81 2.50 -0.34
C TYR A 423 -55.14 2.23 1.00
N LEU A 424 -53.90 1.75 0.97
CA LEU A 424 -53.13 1.52 2.19
C LEU A 424 -51.96 2.50 2.30
N ARG A 425 -51.66 3.18 1.20
CA ARG A 425 -50.53 4.09 1.12
C ARG A 425 -50.66 5.25 2.11
N PRO A 426 -49.72 5.35 3.06
CA PRO A 426 -49.78 6.44 4.03
C PRO A 426 -49.63 7.80 3.35
N VAL A 427 -50.18 8.84 3.97
CA VAL A 427 -50.05 10.19 3.43
C VAL A 427 -48.74 10.80 3.89
N LEU A 428 -47.73 10.69 3.03
CA LEU A 428 -46.39 11.15 3.35
C LEU A 428 -45.96 12.20 2.34
N PRO A 429 -44.94 13.01 2.68
CA PRO A 429 -44.43 14.03 1.75
C PRO A 429 -43.62 13.44 0.60
N PHE A 430 -44.26 12.61 -0.23
CA PHE A 430 -43.60 11.86 -1.29
C PHE A 430 -42.92 12.70 -2.37
N THR A 431 -43.28 13.98 -2.49
CA THR A 431 -42.69 14.82 -3.53
C THR A 431 -41.44 15.54 -3.02
N LEU A 432 -41.03 15.21 -1.79
CA LEU A 432 -39.79 15.72 -1.23
C LEU A 432 -38.65 15.31 -2.16
N LYS A 433 -37.80 16.28 -2.52
CA LYS A 433 -36.70 16.00 -3.42
C LYS A 433 -35.40 16.68 -2.99
N PRO A 434 -34.60 15.99 -2.17
CA PRO A 434 -33.31 16.50 -1.71
C PRO A 434 -32.40 16.80 -2.89
N GLU A 435 -31.60 17.85 -2.78
CA GLU A 435 -30.72 18.26 -3.86
C GLU A 435 -29.34 17.64 -3.67
N ILE A 436 -29.12 17.10 -2.48
CA ILE A 436 -27.86 16.45 -2.16
C ILE A 436 -28.04 14.95 -1.96
N ASN A 437 -27.20 14.17 -2.63
CA ASN A 437 -27.21 12.73 -2.52
C ASN A 437 -25.88 12.25 -1.91
N PHE A 438 -25.95 11.27 -1.02
CA PHE A 438 -24.74 10.69 -0.45
C PHE A 438 -24.74 9.19 -0.68
N ASN A 439 -23.64 8.71 -1.27
CA ASN A 439 -23.54 7.31 -1.68
C ASN A 439 -22.14 6.74 -1.44
N TYR A 440 -21.91 6.20 -0.25
CA TYR A 440 -20.65 5.56 0.06
C TYR A 440 -20.74 4.05 -0.24
N LEU A 441 -19.97 3.62 -1.22
CA LEU A 441 -20.09 2.26 -1.77
C LEU A 441 -19.39 1.19 -0.93
N GLY A 442 -18.50 1.61 -0.03
CA GLY A 442 -17.79 0.68 0.82
C GLY A 442 -16.43 0.25 0.31
N GLN A 443 -15.97 -0.92 0.76
CA GLN A 443 -14.63 -1.41 0.45
C GLN A 443 -14.67 -2.46 -0.66
N PHE A 444 -13.63 -2.50 -1.49
CA PHE A 444 -13.60 -3.37 -2.67
C PHE A 444 -12.31 -4.16 -2.85
N ASP A 445 -11.25 -3.79 -2.14
CA ASP A 445 -9.93 -4.39 -2.34
C ASP A 445 -9.93 -5.91 -2.24
N THR A 446 -10.65 -6.47 -1.27
CA THR A 446 -10.69 -7.91 -1.09
C THR A 446 -11.42 -8.61 -2.25
N ASP A 447 -12.30 -7.87 -2.91
CA ASP A 447 -13.13 -8.44 -3.97
C ASP A 447 -12.49 -8.35 -5.36
N VAL A 448 -11.83 -7.23 -5.64
CA VAL A 448 -11.27 -6.98 -6.96
C VAL A 448 -9.80 -7.43 -7.08
N LYS A 449 -9.10 -7.44 -5.97
CA LYS A 449 -7.68 -7.79 -5.98
C LYS A 449 -7.51 -9.24 -5.54
N THR A 450 -7.59 -10.16 -6.49
CA THR A 450 -7.49 -11.58 -6.20
C THR A 450 -6.21 -12.19 -6.76
N GLU A 451 -6.08 -13.50 -6.61
CA GLU A 451 -4.92 -14.23 -7.11
C GLU A 451 -5.00 -14.40 -8.61
N LEU A 452 -6.21 -14.33 -9.15
CA LEU A 452 -6.44 -14.49 -10.57
C LEU A 452 -6.33 -13.18 -11.33
N PHE A 453 -6.78 -12.10 -10.69
CA PHE A 453 -6.84 -10.81 -11.37
C PHE A 453 -6.82 -9.64 -10.40
N THR A 454 -6.62 -8.45 -10.96
CA THR A 454 -6.65 -7.22 -10.20
C THR A 454 -7.39 -6.16 -11.01
N ARG A 455 -7.50 -4.95 -10.47
CA ARG A 455 -8.11 -3.86 -11.22
C ARG A 455 -7.23 -3.48 -12.42
N SER A 456 -7.85 -3.06 -13.50
CA SER A 456 -7.10 -2.64 -14.69
C SER A 456 -6.57 -1.22 -14.57
N PRO A 457 -5.32 -1.00 -14.96
CA PRO A 457 -4.71 0.34 -15.01
C PRO A 457 -5.35 1.19 -16.09
N TYR A 458 -5.99 0.54 -17.06
CA TYR A 458 -6.65 1.25 -18.16
C TYR A 458 -8.04 1.73 -17.77
N SER A 459 -8.45 1.43 -16.53
CA SER A 459 -9.75 1.87 -16.06
C SER A 459 -9.71 3.34 -15.69
N MET A 460 -10.70 4.09 -16.17
CA MET A 460 -10.75 5.52 -15.92
C MET A 460 -11.85 5.91 -14.94
N GLY A 461 -11.45 6.23 -13.71
CA GLY A 461 -12.39 6.71 -12.71
C GLY A 461 -13.21 5.61 -12.08
N ASN A 462 -14.19 6.01 -11.26
CA ASN A 462 -15.01 5.06 -10.51
C ASN A 462 -16.13 4.49 -11.35
N SER A 463 -15.88 3.33 -11.93
CA SER A 463 -16.81 2.75 -12.89
C SER A 463 -18.14 2.29 -12.27
N LEU A 464 -18.23 2.26 -10.95
CA LEU A 464 -19.48 1.87 -10.29
C LEU A 464 -20.36 3.06 -9.93
N GLY A 465 -19.86 4.26 -10.22
CA GLY A 465 -20.58 5.48 -9.89
C GLY A 465 -21.09 6.21 -11.13
N PRO A 466 -21.85 7.29 -10.92
CA PRO A 466 -22.39 8.12 -12.00
C PRO A 466 -21.32 8.90 -12.77
N ASP A 467 -20.12 9.00 -12.20
CA ASP A 467 -19.05 9.69 -12.88
C ASP A 467 -18.13 8.73 -13.60
N GLY A 468 -18.55 7.47 -13.63
CA GLY A 468 -17.82 6.46 -14.36
C GLY A 468 -17.92 6.71 -15.86
N LYS A 469 -16.82 6.48 -16.56
CA LYS A 469 -16.73 6.76 -17.98
C LYS A 469 -17.75 5.97 -18.78
N ASN A 470 -18.60 6.71 -19.51
CA ASN A 470 -19.58 6.15 -20.44
C ASN A 470 -20.72 5.35 -19.81
N ASN A 471 -20.87 5.43 -18.48
CA ASN A 471 -21.92 4.67 -17.81
C ASN A 471 -23.31 5.15 -18.15
N LEU A 472 -23.52 6.47 -18.07
CA LEU A 472 -24.83 7.05 -18.32
C LEU A 472 -24.84 7.71 -19.69
N GLY A 473 -26.00 7.75 -20.33
CA GLY A 473 -26.14 8.45 -21.60
C GLY A 473 -25.96 9.95 -21.37
N PRO A 474 -25.14 10.60 -22.20
CA PRO A 474 -24.87 12.03 -22.00
C PRO A 474 -26.13 12.90 -22.09
N GLU A 475 -27.09 12.52 -22.95
CA GLU A 475 -28.29 13.34 -23.11
C GLU A 475 -29.26 13.13 -21.96
N GLY A 476 -29.00 12.11 -21.15
CA GLY A 476 -29.82 11.82 -20.00
C GLY A 476 -29.81 12.95 -18.98
N GLU A 477 -30.91 13.07 -18.24
CA GLU A 477 -31.08 14.17 -17.29
C GLU A 477 -30.40 13.89 -15.96
N SER A 478 -29.73 14.89 -15.41
CA SER A 478 -29.20 14.81 -14.06
C SER A 478 -30.37 14.94 -13.08
N TYR A 479 -30.16 14.52 -11.83
CA TYR A 479 -31.26 14.45 -10.89
C TYR A 479 -30.83 14.87 -9.48
N PHE A 480 -29.58 15.32 -9.36
CA PHE A 480 -29.07 15.88 -8.12
C PHE A 480 -28.20 17.11 -8.38
N VAL A 481 -28.27 18.07 -7.47
CA VAL A 481 -27.40 19.24 -7.54
C VAL A 481 -26.00 18.82 -7.13
N LEU A 482 -25.89 18.16 -5.99
CA LEU A 482 -24.62 17.61 -5.53
C LEU A 482 -24.72 16.10 -5.38
N ASN A 483 -23.89 15.38 -6.13
CA ASN A 483 -23.89 13.93 -6.06
C ASN A 483 -22.59 13.48 -5.44
N ILE A 484 -22.65 13.11 -4.16
CA ILE A 484 -21.45 12.76 -3.42
C ILE A 484 -21.31 11.23 -3.35
N ASN A 485 -20.20 10.73 -3.86
CA ASN A 485 -19.98 9.29 -3.93
C ASN A 485 -18.63 8.93 -3.35
N GLY A 486 -18.57 7.80 -2.66
CA GLY A 486 -17.36 7.41 -1.95
C GLY A 486 -17.08 5.92 -2.01
N PHE A 487 -15.83 5.55 -1.76
CA PHE A 487 -15.40 4.15 -1.81
C PHE A 487 -13.98 4.02 -1.28
N ILE A 488 -13.62 2.81 -0.88
CA ILE A 488 -12.25 2.50 -0.47
C ILE A 488 -11.53 1.73 -1.56
N GLU A 489 -10.46 2.31 -2.07
CA GLU A 489 -9.71 1.67 -3.14
C GLU A 489 -8.22 1.76 -2.83
N GLU A 490 -7.53 0.62 -2.92
CA GLU A 490 -6.13 0.51 -2.54
C GLU A 490 -5.89 1.06 -1.14
N GLY A 491 -6.78 0.72 -0.21
CA GLY A 491 -6.65 1.15 1.16
C GLY A 491 -6.89 2.64 1.40
N LYS A 492 -7.36 3.34 0.38
CA LYS A 492 -7.56 4.79 0.48
C LYS A 492 -9.02 5.17 0.27
N LEU A 493 -9.56 5.98 1.19
CA LEU A 493 -10.90 6.53 1.02
C LEU A 493 -10.95 7.60 -0.06
N HIS A 494 -11.82 7.40 -1.04
CA HIS A 494 -12.05 8.40 -2.08
C HIS A 494 -13.45 8.99 -1.94
N ILE A 495 -13.55 10.32 -2.06
CA ILE A 495 -14.83 11.01 -2.06
C ILE A 495 -14.87 11.96 -3.25
N THR A 496 -15.88 11.82 -4.10
CA THR A 496 -16.05 12.71 -5.22
C THR A 496 -17.31 13.54 -5.06
N PHE A 497 -17.26 14.76 -5.58
CA PHE A 497 -18.37 15.69 -5.55
C PHE A 497 -18.78 16.03 -6.97
N SER A 498 -19.93 15.51 -7.39
CA SER A 498 -20.41 15.71 -8.75
C SER A 498 -21.42 16.84 -8.83
N TYR A 499 -21.19 17.76 -9.75
CA TYR A 499 -21.97 18.98 -9.84
C TYR A 499 -22.19 19.38 -11.29
N ASN A 500 -23.18 20.23 -11.51
CA ASN A 500 -23.42 20.79 -12.84
C ASN A 500 -22.48 21.98 -13.05
N GLU A 501 -21.64 21.89 -14.08
CA GLU A 501 -20.62 22.91 -14.35
C GLU A 501 -21.21 24.30 -14.59
N GLN A 502 -22.49 24.36 -14.92
CA GLN A 502 -23.15 25.64 -15.13
C GLN A 502 -23.99 26.03 -13.92
N GLN A 503 -23.79 25.33 -12.81
CA GLN A 503 -24.47 25.66 -11.57
C GLN A 503 -23.48 26.16 -10.53
N TYR A 504 -22.29 25.59 -10.57
CA TYR A 504 -21.23 25.96 -9.65
C TYR A 504 -19.94 26.19 -10.39
N LYS A 505 -19.15 27.16 -9.93
CA LYS A 505 -17.77 27.28 -10.37
C LYS A 505 -17.01 26.11 -9.76
N GLU A 506 -15.98 25.64 -10.45
CA GLU A 506 -15.18 24.53 -9.95
C GLU A 506 -14.58 24.87 -8.59
N ASP A 507 -14.14 26.11 -8.44
CA ASP A 507 -13.52 26.54 -7.19
C ASP A 507 -14.50 26.45 -6.03
N THR A 508 -15.76 26.78 -6.29
CA THR A 508 -16.79 26.72 -5.26
C THR A 508 -16.90 25.30 -4.70
N ILE A 509 -16.88 24.30 -5.57
CA ILE A 509 -16.97 22.91 -5.14
C ILE A 509 -15.67 22.46 -4.48
N GLN A 510 -14.54 22.99 -4.93
CA GLN A 510 -13.23 22.66 -4.34
C GLN A 510 -13.15 23.10 -2.88
N GLN A 511 -13.84 24.19 -2.56
CA GLN A 511 -13.88 24.65 -1.18
C GLN A 511 -14.68 23.68 -0.32
N LEU A 512 -15.75 23.14 -0.89
CA LEU A 512 -16.58 22.20 -0.17
C LEU A 512 -15.83 20.91 0.09
N SER A 513 -15.09 20.45 -0.91
CA SER A 513 -14.35 19.21 -0.82
C SER A 513 -13.23 19.30 0.23
N ARG A 514 -12.46 20.39 0.16
CA ARG A 514 -11.38 20.60 1.11
C ARG A 514 -11.93 20.72 2.54
N SER A 515 -13.04 21.45 2.67
CA SER A 515 -13.70 21.60 3.96
C SER A 515 -14.15 20.23 4.49
N TYR A 516 -14.69 19.40 3.60
CA TYR A 516 -15.13 18.07 4.01
C TYR A 516 -13.96 17.25 4.49
N LYS A 517 -12.85 17.31 3.76
CA LYS A 517 -11.65 16.56 4.13
C LYS A 517 -11.11 17.05 5.47
N GLN A 518 -11.17 18.37 5.69
CA GLN A 518 -10.68 18.96 6.93
C GLN A 518 -11.47 18.47 8.14
N HIS A 519 -12.79 18.54 8.03
CA HIS A 519 -13.66 18.18 9.14
C HIS A 519 -13.63 16.67 9.39
N LEU A 520 -13.46 15.90 8.33
CA LEU A 520 -13.39 14.45 8.45
C LEU A 520 -12.13 14.04 9.20
N LEU A 521 -10.99 14.61 8.82
CA LEU A 521 -9.74 14.31 9.50
C LEU A 521 -9.78 14.75 10.97
N ALA A 522 -10.43 15.88 11.25
CA ALA A 522 -10.55 16.37 12.62
C ALA A 522 -11.41 15.42 13.49
N ILE A 523 -12.47 14.89 12.89
CA ILE A 523 -13.34 13.94 13.58
C ILE A 523 -12.58 12.64 13.84
N ILE A 524 -11.70 12.28 12.90
CA ILE A 524 -10.90 11.07 13.05
C ILE A 524 -9.92 11.19 14.22
N GLU A 525 -9.21 12.30 14.30
CA GLU A 525 -8.27 12.54 15.39
C GLU A 525 -8.97 12.59 16.75
N HIS A 526 -10.12 13.25 16.79
CA HIS A 526 -10.96 13.25 17.99
C HIS A 526 -11.30 11.82 18.45
N CYS A 527 -11.84 11.03 17.53
CA CYS A 527 -12.32 9.69 17.86
C CYS A 527 -11.19 8.70 18.17
N VAL A 528 -10.04 8.89 17.55
CA VAL A 528 -8.90 8.01 17.78
C VAL A 528 -8.46 8.11 19.24
N GLN A 529 -8.60 9.30 19.82
CA GLN A 529 -8.17 9.55 21.18
C GLN A 529 -9.21 9.13 22.23
N LYS A 530 -10.43 8.82 21.81
CA LYS A 530 -11.47 8.42 22.75
C LYS A 530 -11.57 6.90 22.89
N GLU A 531 -11.53 6.43 24.13
CA GLU A 531 -11.53 4.99 24.41
C GLU A 531 -12.93 4.38 24.40
N ASP A 532 -12.99 3.07 24.25
CA ASP A 532 -14.26 2.35 24.20
C ASP A 532 -14.88 2.25 25.59
N THR A 533 -16.02 2.91 25.80
CA THR A 533 -16.69 2.89 27.10
C THR A 533 -18.21 2.72 27.03
N GLU A 534 -18.72 2.47 25.83
CA GLU A 534 -20.14 2.19 25.66
C GLU A 534 -20.46 0.79 26.18
N LEU A 535 -21.55 0.67 26.94
CA LEU A 535 -21.99 -0.63 27.41
C LEU A 535 -23.08 -1.20 26.51
N ILE B 7 43.60 23.07 3.65
CA ILE B 7 43.12 24.36 4.16
C ILE B 7 41.73 24.19 4.75
N GLU B 8 41.30 25.15 5.56
CA GLU B 8 39.97 25.13 6.14
C GLU B 8 38.92 25.52 5.10
N GLU B 9 39.37 26.17 4.02
CA GLU B 9 38.47 26.55 2.94
C GLU B 9 37.91 25.30 2.26
N THR B 10 38.73 24.27 2.17
CA THR B 10 38.35 23.02 1.52
C THR B 10 37.38 22.20 2.36
N LEU B 11 37.67 22.10 3.66
CA LEU B 11 36.80 21.36 4.57
C LEU B 11 35.41 21.97 4.59
N VAL B 12 35.34 23.31 4.64
CA VAL B 12 34.07 24.00 4.66
C VAL B 12 33.30 23.71 3.38
N THR B 13 33.98 23.76 2.24
CA THR B 13 33.35 23.47 0.95
C THR B 13 32.76 22.06 0.94
N ILE B 14 33.59 21.09 1.30
CA ILE B 14 33.19 19.69 1.26
C ILE B 14 32.12 19.37 2.30
N TRP B 15 32.32 19.83 3.53
CA TRP B 15 31.36 19.60 4.60
C TRP B 15 29.99 20.14 4.22
N GLN B 16 29.98 21.32 3.60
CA GLN B 16 28.73 21.97 3.20
C GLN B 16 27.98 21.15 2.17
N ASP B 17 28.72 20.56 1.23
CA ASP B 17 28.13 19.72 0.20
C ASP B 17 27.62 18.39 0.78
N VAL B 18 28.44 17.78 1.62
CA VAL B 18 28.13 16.48 2.19
C VAL B 18 27.00 16.55 3.22
N LEU B 19 27.06 17.55 4.10
CA LEU B 19 26.08 17.70 5.16
C LEU B 19 24.82 18.43 4.70
N GLY B 20 24.89 19.01 3.51
CA GLY B 20 23.76 19.71 2.94
C GLY B 20 23.46 21.04 3.61
N ILE B 21 24.49 21.69 4.13
CA ILE B 21 24.33 22.97 4.81
C ILE B 21 25.03 24.09 4.05
N GLU B 22 24.34 25.21 3.85
CA GLU B 22 24.89 26.31 3.05
C GLU B 22 26.09 26.99 3.70
N LYS B 23 26.05 27.17 5.01
CA LYS B 23 27.14 27.81 5.73
C LYS B 23 27.53 27.05 7.00
N ILE B 24 28.80 26.67 7.07
CA ILE B 24 29.32 25.91 8.19
C ILE B 24 30.53 26.59 8.81
N GLY B 25 30.49 26.80 10.13
CA GLY B 25 31.60 27.40 10.83
C GLY B 25 32.68 26.39 11.13
N ILE B 26 33.92 26.87 11.32
CA ILE B 26 35.05 26.00 11.62
C ILE B 26 34.96 25.45 13.03
N LYS B 27 34.21 26.14 13.89
CA LYS B 27 34.04 25.72 15.26
C LYS B 27 32.79 24.87 15.43
N ASP B 28 32.10 24.63 14.31
CA ASP B 28 30.88 23.82 14.33
C ASP B 28 31.20 22.33 14.42
N ASN B 29 30.41 21.64 15.23
CA ASN B 29 30.59 20.20 15.45
C ASN B 29 29.95 19.38 14.32
N PHE B 30 30.75 18.51 13.72
CA PHE B 30 30.33 17.72 12.56
C PHE B 30 29.05 16.94 12.80
N TYR B 31 28.99 16.28 13.96
CA TYR B 31 27.86 15.44 14.32
C TYR B 31 26.69 16.27 14.84
N ALA B 32 27.00 17.47 15.35
CA ALA B 32 25.95 18.39 15.79
C ALA B 32 25.24 18.99 14.61
N LEU B 33 25.88 18.92 13.44
CA LEU B 33 25.29 19.42 12.20
C LEU B 33 24.49 18.33 11.49
N GLY B 34 24.50 17.13 12.04
CA GLY B 34 23.74 16.02 11.49
C GLY B 34 24.60 14.91 10.90
N GLY B 35 25.91 15.06 11.02
CA GLY B 35 26.84 14.13 10.41
C GLY B 35 26.84 12.75 11.06
N ASP B 36 27.34 11.77 10.32
CA ASP B 36 27.54 10.42 10.85
C ASP B 36 28.70 9.73 10.13
N SER B 37 28.92 8.46 10.44
CA SER B 37 30.07 7.75 9.90
C SER B 37 29.98 7.52 8.39
N ILE B 38 28.78 7.58 7.84
CA ILE B 38 28.62 7.47 6.39
C ILE B 38 28.93 8.82 5.73
N LYS B 39 28.44 9.91 6.33
CA LYS B 39 28.82 11.24 5.87
C LYS B 39 30.33 11.40 5.97
N ALA B 40 30.93 10.80 7.00
CA ALA B 40 32.37 10.84 7.22
C ALA B 40 33.14 10.21 6.07
N ILE B 41 32.64 9.08 5.58
CA ILE B 41 33.22 8.42 4.42
C ILE B 41 33.04 9.30 3.17
N GLN B 42 31.93 10.00 3.08
CA GLN B 42 31.67 10.88 1.94
C GLN B 42 32.59 12.09 1.95
N VAL B 43 32.92 12.59 3.15
CA VAL B 43 33.88 13.68 3.27
C VAL B 43 35.26 13.18 2.84
N ALA B 44 35.63 12.01 3.33
CA ALA B 44 36.93 11.41 3.02
C ALA B 44 37.05 11.07 1.53
N ALA B 45 35.93 10.67 0.92
CA ALA B 45 35.92 10.36 -0.51
C ALA B 45 36.28 11.62 -1.31
N ARG B 46 35.60 12.71 -0.98
CA ARG B 46 35.86 14.01 -1.59
C ARG B 46 37.29 14.51 -1.39
N LEU B 47 37.80 14.39 -0.18
CA LEU B 47 39.13 14.89 0.15
C LEU B 47 40.21 14.21 -0.70
N HIS B 48 39.96 12.97 -1.10
CA HIS B 48 40.90 12.22 -1.91
C HIS B 48 41.23 12.95 -3.22
N SER B 49 40.26 13.67 -3.76
CA SER B 49 40.45 14.41 -5.00
C SER B 49 41.28 15.67 -4.78
N TYR B 50 41.37 16.13 -3.54
CA TYR B 50 42.22 17.28 -3.20
C TYR B 50 43.62 16.84 -2.78
N GLN B 51 43.96 15.58 -3.10
CA GLN B 51 45.24 14.98 -2.69
C GLN B 51 45.41 14.98 -1.17
N LEU B 52 44.29 15.06 -0.44
CA LEU B 52 44.34 15.04 1.01
C LEU B 52 43.81 13.73 1.56
N LYS B 53 44.38 13.28 2.68
CA LYS B 53 43.94 12.06 3.32
C LYS B 53 43.27 12.36 4.64
N LEU B 54 42.08 11.80 4.83
CA LEU B 54 41.40 11.90 6.11
C LEU B 54 41.04 10.53 6.66
N GLU B 55 41.59 10.23 7.82
CA GLU B 55 41.22 9.02 8.53
C GLU B 55 40.03 9.33 9.42
N THR B 56 38.88 8.75 9.10
CA THR B 56 37.62 9.04 9.77
C THR B 56 37.68 8.89 11.30
N LYS B 57 38.72 8.19 11.77
CA LYS B 57 38.96 8.06 13.21
C LYS B 57 39.30 9.41 13.84
N ASP B 58 39.96 10.27 13.07
CA ASP B 58 40.39 11.57 13.56
C ASP B 58 39.19 12.50 13.73
N LEU B 59 38.22 12.34 12.85
CA LEU B 59 37.02 13.16 12.84
C LEU B 59 36.23 13.03 14.15
N LEU B 60 36.36 11.87 14.79
CA LEU B 60 35.72 11.64 16.08
C LEU B 60 36.38 12.46 17.19
N LYS B 61 37.71 12.55 17.14
CA LYS B 61 38.46 13.25 18.17
C LYS B 61 38.40 14.77 17.98
N TYR B 62 38.24 15.20 16.73
CA TYR B 62 38.26 16.63 16.41
C TYR B 62 37.12 17.00 15.45
N PRO B 63 35.87 16.92 15.94
CA PRO B 63 34.67 17.09 15.11
C PRO B 63 34.43 18.52 14.62
N THR B 64 35.44 19.37 14.69
CA THR B 64 35.33 20.72 14.18
C THR B 64 36.39 20.95 13.11
N ILE B 65 36.07 21.78 12.12
CA ILE B 65 36.98 22.02 11.02
C ILE B 65 38.29 22.65 11.51
N ASP B 66 38.21 23.55 12.48
CA ASP B 66 39.39 24.23 13.00
C ASP B 66 40.38 23.25 13.63
N GLN B 67 39.85 22.22 14.30
CA GLN B 67 40.69 21.23 14.94
C GLN B 67 41.15 20.15 13.96
N LEU B 68 40.27 19.78 13.04
CA LEU B 68 40.54 18.67 12.12
C LEU B 68 41.63 19.02 11.13
N VAL B 69 41.82 20.30 10.85
CA VAL B 69 42.80 20.76 9.87
C VAL B 69 44.22 20.30 10.20
N HIS B 70 44.57 20.31 11.50
CA HIS B 70 45.91 19.94 11.93
C HIS B 70 46.22 18.46 11.71
N TYR B 71 45.18 17.66 11.52
CA TYR B 71 45.34 16.22 11.38
C TYR B 71 45.05 15.75 9.95
N ILE B 72 44.65 16.69 9.10
CA ILE B 72 44.49 16.40 7.68
C ILE B 72 45.87 16.31 7.02
N LYS B 73 46.16 15.16 6.43
CA LYS B 73 47.47 14.94 5.85
C LYS B 73 47.40 14.74 4.33
N ASP B 74 48.57 14.62 3.72
CA ASP B 74 48.67 14.44 2.28
C ASP B 74 48.49 12.98 1.89
N SER B 75 47.83 12.74 0.76
CA SER B 75 47.66 11.40 0.23
C SER B 75 48.81 11.04 -0.69
N LYS B 76 49.48 9.94 -0.41
CA LYS B 76 50.59 9.51 -1.25
C LYS B 76 50.20 8.31 -2.09
N ARG B 77 49.08 7.69 -1.74
CA ARG B 77 48.66 6.46 -2.39
C ARG B 77 47.58 6.72 -3.45
N ARG B 78 47.78 6.16 -4.63
CA ARG B 78 46.83 6.32 -5.71
C ARG B 78 46.40 4.97 -6.26
N SER B 79 45.10 4.86 -6.55
CA SER B 79 44.49 3.58 -6.90
C SER B 79 44.61 3.26 -8.39
N GLU B 80 44.28 2.02 -8.74
CA GLU B 80 44.26 1.61 -10.13
C GLU B 80 43.14 2.34 -10.86
N GLN B 81 43.42 2.76 -12.09
CA GLN B 81 42.41 3.49 -12.84
C GLN B 81 41.98 2.71 -14.08
N GLY B 82 42.67 1.61 -14.35
CA GLY B 82 42.37 0.79 -15.52
C GLY B 82 41.22 -0.17 -15.35
N ILE B 83 40.99 -1.01 -16.36
CA ILE B 83 39.90 -1.96 -16.34
C ILE B 83 40.22 -3.17 -15.45
N VAL B 84 39.35 -3.42 -14.48
CA VAL B 84 39.53 -4.53 -13.56
C VAL B 84 38.88 -5.80 -14.10
N GLU B 85 39.66 -6.87 -14.19
CA GLU B 85 39.12 -8.15 -14.62
C GLU B 85 39.74 -9.28 -13.81
N GLY B 86 39.11 -10.46 -13.84
CA GLY B 86 39.67 -11.63 -13.19
C GLY B 86 38.81 -12.19 -12.07
N GLU B 87 39.26 -13.28 -11.48
CA GLU B 87 38.54 -13.93 -10.39
C GLU B 87 38.69 -13.13 -9.10
N ILE B 88 37.59 -13.05 -8.35
CA ILE B 88 37.59 -12.36 -7.06
C ILE B 88 36.98 -13.26 -5.99
N GLY B 89 37.70 -13.43 -4.88
CA GLY B 89 37.19 -14.23 -3.79
C GLY B 89 35.99 -13.57 -3.15
N LEU B 90 34.99 -14.37 -2.80
CA LEU B 90 33.82 -13.87 -2.09
C LEU B 90 34.22 -13.15 -0.81
N THR B 91 33.49 -12.09 -0.48
CA THR B 91 33.67 -11.38 0.78
C THR B 91 32.67 -11.98 1.80
N PRO B 92 32.81 -11.67 3.10
CA PRO B 92 31.97 -12.32 4.12
C PRO B 92 30.48 -12.33 3.79
N ILE B 93 29.92 -11.16 3.48
CA ILE B 93 28.49 -11.05 3.20
C ILE B 93 28.11 -11.85 1.95
N GLN B 94 29.06 -11.99 1.04
CA GLN B 94 28.82 -12.73 -0.20
C GLN B 94 28.80 -14.24 0.06
N HIS B 95 29.65 -14.68 0.98
CA HIS B 95 29.64 -16.08 1.42
C HIS B 95 28.29 -16.41 2.04
N TRP B 96 27.82 -15.51 2.90
CA TRP B 96 26.54 -15.67 3.56
C TRP B 96 25.41 -15.84 2.53
N PHE B 97 25.44 -15.03 1.47
CA PHE B 97 24.39 -15.07 0.45
C PHE B 97 24.30 -16.42 -0.25
N PHE B 98 25.44 -16.92 -0.72
CA PHE B 98 25.45 -18.18 -1.42
C PHE B 98 25.18 -19.33 -0.48
N GLU B 99 25.56 -19.17 0.78
CA GLU B 99 25.34 -20.20 1.80
C GLU B 99 23.86 -20.41 2.06
N GLN B 100 23.05 -19.38 1.85
CA GLN B 100 21.61 -19.49 2.07
C GLN B 100 20.96 -20.36 1.01
N GLN B 101 21.59 -20.46 -0.15
CA GLN B 101 21.03 -21.21 -1.28
C GLN B 101 19.58 -20.80 -1.55
N PHE B 102 19.33 -19.49 -1.64
CA PHE B 102 17.99 -18.98 -1.90
C PHE B 102 17.38 -19.58 -3.16
N THR B 103 16.10 -19.95 -3.07
CA THR B 103 15.34 -20.28 -4.26
C THR B 103 15.33 -19.06 -5.17
N ASN B 104 15.73 -19.25 -6.44
CA ASN B 104 15.84 -18.17 -7.41
C ASN B 104 16.71 -17.02 -6.92
N MET B 105 17.91 -17.36 -6.47
CA MET B 105 18.83 -16.39 -5.90
C MET B 105 19.26 -15.33 -6.91
N HIS B 106 18.96 -15.58 -8.18
CA HIS B 106 19.20 -14.60 -9.24
C HIS B 106 18.29 -13.39 -9.08
N HIS B 107 17.22 -13.56 -8.30
CA HIS B 107 16.29 -12.49 -8.00
C HIS B 107 16.43 -12.07 -6.53
N TRP B 108 17.37 -11.17 -6.27
CA TRP B 108 17.68 -10.75 -4.92
C TRP B 108 18.38 -9.39 -5.02
N ASN B 109 17.60 -8.33 -5.16
CA ASN B 109 18.14 -7.07 -5.62
C ASN B 109 17.87 -5.88 -4.70
N GLN B 110 18.52 -4.77 -5.02
CA GLN B 110 18.12 -3.46 -4.55
C GLN B 110 17.64 -2.68 -5.77
N SER B 111 16.85 -1.64 -5.55
CA SER B 111 16.37 -0.84 -6.67
C SER B 111 16.17 0.62 -6.27
N TYR B 112 16.00 1.48 -7.27
CA TYR B 112 15.72 2.89 -7.02
C TYR B 112 15.13 3.55 -8.25
N MET B 113 14.28 4.55 -8.04
CA MET B 113 13.67 5.26 -9.16
C MET B 113 13.83 6.76 -9.01
N LEU B 114 14.46 7.37 -10.00
CA LEU B 114 14.68 8.80 -10.01
C LEU B 114 13.68 9.47 -10.95
N TYR B 115 13.43 10.75 -10.72
CA TYR B 115 12.43 11.48 -11.48
C TYR B 115 12.97 12.81 -12.00
N ARG B 116 12.71 13.08 -13.28
CA ARG B 116 13.10 14.34 -13.89
C ARG B 116 11.96 14.91 -14.75
N PRO B 117 11.30 15.96 -14.25
CA PRO B 117 10.16 16.63 -14.90
C PRO B 117 10.42 17.02 -16.36
N ASN B 118 11.63 17.46 -16.70
CA ASN B 118 11.96 17.82 -18.08
C ASN B 118 12.30 16.61 -18.94
N GLY B 119 12.29 15.44 -18.31
CA GLY B 119 12.60 14.21 -19.02
C GLY B 119 14.08 13.97 -19.21
N PHE B 120 14.46 12.71 -19.38
CA PHE B 120 15.83 12.33 -19.67
C PHE B 120 16.07 12.14 -21.16
N ASP B 121 17.24 12.53 -21.63
CA ASP B 121 17.65 12.21 -23.00
C ASP B 121 18.17 10.79 -23.04
N LYS B 122 17.47 9.93 -23.77
CA LYS B 122 17.77 8.51 -23.83
C LYS B 122 19.19 8.21 -24.33
N GLU B 123 19.62 8.90 -25.38
CA GLU B 123 20.94 8.65 -25.95
C GLU B 123 22.07 9.07 -25.00
N ILE B 124 21.80 10.08 -24.18
CA ILE B 124 22.76 10.52 -23.18
C ILE B 124 22.84 9.50 -22.04
N LEU B 125 21.69 9.04 -21.58
CA LEU B 125 21.63 8.01 -20.55
C LEU B 125 22.42 6.78 -20.94
N LEU B 126 22.25 6.36 -22.18
CA LEU B 126 22.98 5.22 -22.72
C LEU B 126 24.48 5.45 -22.60
N ARG B 127 24.92 6.66 -22.94
CA ARG B 127 26.33 7.04 -22.85
C ARG B 127 26.81 7.15 -21.41
N VAL B 128 25.94 7.66 -20.53
CA VAL B 128 26.29 7.85 -19.13
C VAL B 128 26.51 6.50 -18.43
N PHE B 129 25.61 5.56 -18.67
CA PHE B 129 25.72 4.24 -18.04
C PHE B 129 26.89 3.42 -18.57
N ASN B 130 27.23 3.60 -19.85
CA ASN B 130 28.39 2.92 -20.39
C ASN B 130 29.65 3.33 -19.64
N LYS B 131 29.77 4.61 -19.35
CA LYS B 131 30.89 5.10 -18.56
C LYS B 131 30.82 4.58 -17.13
N ILE B 132 29.60 4.53 -16.59
CA ILE B 132 29.39 4.07 -15.22
C ILE B 132 29.83 2.61 -15.02
N VAL B 133 29.35 1.70 -15.85
CA VAL B 133 29.74 0.29 -15.73
C VAL B 133 31.20 0.07 -16.10
N GLU B 134 31.77 1.04 -16.82
CA GLU B 134 33.21 1.02 -17.10
C GLU B 134 33.98 1.50 -15.87
N HIS B 135 33.47 2.55 -15.24
CA HIS B 135 34.15 3.17 -14.11
C HIS B 135 34.02 2.32 -12.84
N HIS B 136 32.85 1.69 -12.65
CA HIS B 136 32.60 0.91 -11.44
C HIS B 136 32.61 -0.57 -11.78
N ASP B 137 33.81 -1.13 -11.80
CA ASP B 137 34.06 -2.45 -12.37
C ASP B 137 33.19 -3.58 -11.82
N ALA B 138 32.89 -3.53 -10.53
CA ALA B 138 32.14 -4.60 -9.85
C ALA B 138 30.77 -4.87 -10.47
N LEU B 139 30.21 -3.87 -11.15
CA LEU B 139 28.90 -4.02 -11.79
C LEU B 139 28.95 -4.99 -12.96
N ARG B 140 30.16 -5.30 -13.43
CA ARG B 140 30.34 -6.20 -14.57
C ARG B 140 30.58 -7.64 -14.11
N MET B 141 30.27 -7.92 -12.85
CA MET B 141 30.57 -9.22 -12.26
C MET B 141 29.68 -10.33 -12.79
N ILE B 142 30.22 -11.54 -12.87
CA ILE B 142 29.43 -12.72 -13.14
C ILE B 142 29.80 -13.83 -12.16
N TYR B 143 28.93 -14.81 -12.04
CA TYR B 143 29.15 -15.90 -11.10
C TYR B 143 28.92 -17.25 -11.80
N LYS B 144 29.97 -18.06 -11.87
CA LYS B 144 29.91 -19.36 -12.54
C LYS B 144 30.02 -20.50 -11.54
N HIS B 145 29.73 -21.71 -12.01
CA HIS B 145 29.91 -22.91 -11.18
C HIS B 145 31.11 -23.73 -11.66
N HIS B 146 32.11 -23.84 -10.79
CA HIS B 146 33.26 -24.71 -11.06
C HIS B 146 33.34 -25.80 -9.99
N ASN B 147 33.22 -27.05 -10.44
CA ASN B 147 33.23 -28.21 -9.54
C ASN B 147 32.23 -28.07 -8.40
N GLY B 148 31.00 -27.70 -8.73
CA GLY B 148 29.96 -27.52 -7.73
C GLY B 148 30.20 -26.33 -6.82
N LYS B 149 31.03 -25.40 -7.27
CA LYS B 149 31.36 -24.22 -6.46
C LYS B 149 31.22 -22.93 -7.25
N ILE B 150 30.89 -21.85 -6.55
CA ILE B 150 30.71 -20.54 -7.17
C ILE B 150 32.04 -19.90 -7.53
N VAL B 151 32.11 -19.33 -8.73
CA VAL B 151 33.29 -18.57 -9.15
C VAL B 151 32.91 -17.13 -9.52
N GLN B 152 33.34 -16.18 -8.69
CA GLN B 152 33.05 -14.76 -8.95
C GLN B 152 34.07 -14.17 -9.91
N ILE B 153 33.60 -13.68 -11.05
CA ILE B 153 34.49 -13.14 -12.05
C ILE B 153 34.08 -11.73 -12.48
N ASN B 154 35.03 -10.80 -12.40
CA ASN B 154 34.80 -9.45 -12.89
C ASN B 154 35.16 -9.39 -14.38
N ARG B 155 34.15 -9.22 -15.22
CA ARG B 155 34.35 -9.11 -16.66
C ARG B 155 35.08 -7.83 -17.05
N GLY B 156 35.59 -7.80 -18.27
CA GLY B 156 36.12 -6.59 -18.87
C GLY B 156 35.01 -5.85 -19.57
N LEU B 157 35.36 -4.99 -20.52
CA LEU B 157 34.35 -4.23 -21.26
C LEU B 157 33.75 -5.08 -22.37
N GLU B 158 33.45 -6.34 -22.04
CA GLU B 158 32.98 -7.31 -23.01
C GLU B 158 31.55 -7.73 -22.75
N GLY B 159 30.84 -8.08 -23.81
CA GLY B 159 29.46 -8.54 -23.69
C GLY B 159 28.53 -7.44 -23.24
N THR B 160 27.38 -7.83 -22.70
CA THR B 160 26.39 -6.87 -22.23
C THR B 160 26.68 -6.45 -20.79
N LEU B 161 26.79 -5.14 -20.58
CA LEU B 161 27.13 -4.61 -19.26
C LEU B 161 25.90 -4.08 -18.53
N PHE B 162 24.85 -3.81 -19.29
CA PHE B 162 23.57 -3.48 -18.69
C PHE B 162 22.46 -3.57 -19.74
N ASP B 163 21.25 -3.86 -19.30
CA ASP B 163 20.09 -3.86 -20.18
C ASP B 163 19.30 -2.58 -19.97
N PHE B 164 18.84 -1.99 -21.06
CA PHE B 164 18.13 -0.70 -20.99
C PHE B 164 16.82 -0.77 -21.79
N TYR B 165 15.72 -0.47 -21.12
CA TYR B 165 14.42 -0.47 -21.78
C TYR B 165 13.80 0.91 -21.74
N THR B 166 13.01 1.21 -22.76
CA THR B 166 12.34 2.49 -22.86
C THR B 166 10.83 2.27 -23.05
N PHE B 167 10.04 2.82 -22.13
CA PHE B 167 8.59 2.66 -22.19
C PHE B 167 7.91 4.01 -22.39
N ASP B 168 7.02 4.07 -23.38
CA ASP B 168 6.21 5.27 -23.55
C ASP B 168 4.86 5.07 -22.92
N LEU B 169 4.71 5.61 -21.73
CA LEU B 169 3.37 5.80 -21.20
C LEU B 169 2.95 7.11 -21.82
N THR B 170 1.85 7.68 -21.34
CA THR B 170 1.28 8.97 -21.77
C THR B 170 -0.22 8.94 -21.52
N ALA B 171 -0.82 7.79 -21.80
CA ALA B 171 -2.26 7.67 -21.92
C ALA B 171 -2.92 7.34 -20.58
N ASN B 172 -2.25 6.50 -19.79
CA ASN B 172 -2.82 6.04 -18.51
C ASN B 172 -3.10 7.17 -17.51
N ASP B 173 -3.40 6.75 -16.28
CA ASP B 173 -3.49 7.66 -15.14
C ASP B 173 -3.04 6.86 -13.93
N ASN B 174 -2.93 5.55 -14.13
CA ASN B 174 -2.44 4.67 -13.09
C ASN B 174 -1.00 4.28 -13.42
N GLU B 175 -0.18 5.30 -13.71
CA GLU B 175 1.22 5.11 -14.05
C GLU B 175 1.96 4.26 -13.03
N GLN B 176 1.78 4.60 -11.76
CA GLN B 176 2.41 3.87 -10.66
C GLN B 176 2.17 2.37 -10.79
N GLN B 177 0.92 1.99 -11.06
CA GLN B 177 0.57 0.59 -11.26
C GLN B 177 1.29 -0.02 -12.46
N VAL B 178 1.35 0.75 -13.55
CA VAL B 178 1.99 0.27 -14.77
C VAL B 178 3.51 0.13 -14.58
N ILE B 179 4.11 1.10 -13.91
CA ILE B 179 5.55 1.09 -13.64
C ILE B 179 6.00 -0.12 -12.82
N CYS B 180 5.19 -0.48 -11.83
CA CYS B 180 5.48 -1.62 -10.97
C CYS B 180 5.49 -2.93 -11.75
N GLU B 181 4.50 -3.12 -12.61
CA GLU B 181 4.40 -4.34 -13.40
C GLU B 181 5.59 -4.45 -14.37
N GLU B 182 5.96 -3.33 -14.98
CA GLU B 182 7.07 -3.34 -15.93
C GLU B 182 8.42 -3.51 -15.24
N SER B 183 8.60 -2.85 -14.11
CA SER B 183 9.85 -2.97 -13.36
C SER B 183 9.97 -4.34 -12.67
N ALA B 184 8.85 -4.91 -12.26
CA ALA B 184 8.85 -6.26 -11.69
C ALA B 184 9.41 -7.27 -12.68
N ARG B 185 9.09 -7.07 -13.96
CA ARG B 185 9.61 -7.94 -15.02
C ARG B 185 11.12 -7.81 -15.13
N LEU B 186 11.64 -6.60 -14.96
CA LEU B 186 13.09 -6.37 -14.97
C LEU B 186 13.77 -7.00 -13.78
N GLN B 187 13.15 -6.86 -12.61
CA GLN B 187 13.70 -7.39 -11.35
C GLN B 187 13.92 -8.91 -11.42
N ASN B 188 13.11 -9.58 -12.23
CA ASN B 188 13.13 -11.04 -12.28
C ASN B 188 13.94 -11.58 -13.45
N SER B 189 14.65 -10.70 -14.15
CA SER B 189 15.30 -11.09 -15.40
C SER B 189 16.82 -11.12 -15.33
N ILE B 190 17.38 -11.03 -14.12
CA ILE B 190 18.83 -11.03 -13.97
C ILE B 190 19.44 -12.43 -14.13
N ASN B 191 20.49 -12.51 -14.94
CA ASN B 191 21.23 -13.76 -15.11
C ASN B 191 22.62 -13.65 -14.47
N LEU B 192 22.83 -14.41 -13.39
CA LEU B 192 24.07 -14.29 -12.61
C LEU B 192 25.26 -14.89 -13.33
N GLU B 193 24.99 -15.77 -14.28
CA GLU B 193 26.07 -16.50 -14.93
C GLU B 193 26.70 -15.70 -16.06
N VAL B 194 25.88 -14.98 -16.83
CA VAL B 194 26.38 -14.32 -18.02
C VAL B 194 26.21 -12.79 -17.99
N GLY B 195 25.33 -12.29 -17.13
CA GLY B 195 25.05 -10.88 -17.04
C GLY B 195 23.97 -10.47 -18.01
N PRO B 196 23.55 -9.20 -17.93
CA PRO B 196 24.11 -8.24 -16.98
C PRO B 196 23.40 -8.28 -15.63
N LEU B 197 24.03 -7.67 -14.63
CA LEU B 197 23.46 -7.59 -13.28
C LEU B 197 22.74 -6.25 -13.07
N VAL B 198 22.84 -5.36 -14.05
CA VAL B 198 22.22 -4.05 -13.97
C VAL B 198 21.04 -3.95 -14.95
N LYS B 199 19.87 -3.60 -14.43
CA LYS B 199 18.67 -3.49 -15.25
C LYS B 199 18.09 -2.08 -15.14
N ILE B 200 17.85 -1.43 -16.28
CA ILE B 200 17.40 -0.03 -16.30
C ILE B 200 16.19 0.18 -17.20
N ALA B 201 15.18 0.88 -16.69
CA ALA B 201 14.00 1.21 -17.48
C ALA B 201 13.69 2.71 -17.44
N LEU B 202 13.45 3.29 -18.62
CA LEU B 202 13.07 4.69 -18.70
C LEU B 202 11.60 4.86 -19.07
N PHE B 203 10.83 5.47 -18.17
CA PHE B 203 9.41 5.67 -18.36
C PHE B 203 9.06 7.12 -18.69
N HIS B 204 8.33 7.33 -19.78
CA HIS B 204 7.82 8.67 -20.12
C HIS B 204 6.40 8.84 -19.62
N THR B 205 6.12 9.95 -18.95
CA THR B 205 4.77 10.22 -18.46
C THR B 205 4.37 11.66 -18.69
N GLN B 206 3.15 12.02 -18.29
CA GLN B 206 2.62 13.36 -18.52
C GLN B 206 3.19 14.38 -17.53
N ASN B 207 3.90 13.89 -16.51
CA ASN B 207 4.53 14.78 -15.55
C ASN B 207 6.06 14.70 -15.57
N GLY B 208 6.62 14.07 -16.60
CA GLY B 208 8.06 13.93 -16.71
C GLY B 208 8.53 12.48 -16.86
N ASP B 209 9.84 12.26 -16.72
CA ASP B 209 10.41 10.93 -16.87
C ASP B 209 10.80 10.28 -15.56
N HIS B 210 10.58 8.99 -15.45
CA HIS B 210 11.00 8.22 -14.29
C HIS B 210 12.04 7.19 -14.70
N LEU B 211 13.18 7.21 -14.03
CA LEU B 211 14.28 6.32 -14.37
C LEU B 211 14.47 5.23 -13.32
N PHE B 212 14.10 4.00 -13.68
CA PHE B 212 14.15 2.87 -12.75
C PHE B 212 15.45 2.07 -12.90
N MET B 213 16.05 1.70 -11.77
CA MET B 213 17.28 0.92 -11.79
C MET B 213 17.20 -0.25 -10.82
N ALA B 214 17.54 -1.44 -11.30
CA ALA B 214 17.59 -2.61 -10.44
C ALA B 214 18.95 -3.28 -10.57
N ILE B 215 19.59 -3.53 -9.43
CA ILE B 215 20.91 -4.14 -9.41
C ILE B 215 20.94 -5.28 -8.41
N HIS B 216 21.50 -6.42 -8.80
CA HIS B 216 21.59 -7.56 -7.90
C HIS B 216 22.44 -7.16 -6.71
N HIS B 217 22.06 -7.62 -5.52
CA HIS B 217 22.71 -7.16 -4.30
C HIS B 217 24.18 -7.56 -4.21
N LEU B 218 24.57 -8.59 -4.96
CA LEU B 218 25.94 -9.09 -4.90
C LEU B 218 27.00 -8.06 -5.26
N VAL B 219 26.61 -7.01 -5.96
CA VAL B 219 27.58 -6.02 -6.42
C VAL B 219 27.21 -4.58 -6.05
N VAL B 220 26.32 -4.42 -5.08
CA VAL B 220 25.89 -3.07 -4.69
C VAL B 220 25.48 -3.00 -3.22
N ASP B 221 25.49 -1.79 -2.67
CA ASP B 221 24.91 -1.52 -1.35
C ASP B 221 24.57 -0.03 -1.19
N GLY B 222 24.11 0.34 0.00
CA GLY B 222 23.63 1.69 0.26
C GLY B 222 24.56 2.82 -0.12
N ILE B 223 25.81 2.72 0.33
CA ILE B 223 26.83 3.70 -0.03
C ILE B 223 27.12 3.68 -1.53
N SER B 224 27.12 2.48 -2.12
CA SER B 224 27.35 2.35 -3.55
C SER B 224 26.29 3.09 -4.37
N TRP B 225 25.04 3.02 -3.92
CA TRP B 225 23.96 3.72 -4.61
C TRP B 225 24.20 5.22 -4.59
N ARG B 226 24.63 5.73 -3.43
CA ARG B 226 24.93 7.15 -3.28
C ARG B 226 26.02 7.57 -4.27
N ILE B 227 26.99 6.69 -4.47
CA ILE B 227 28.08 6.94 -5.39
C ILE B 227 27.56 6.96 -6.82
N LEU B 228 26.64 6.05 -7.13
CA LEU B 228 26.06 5.97 -8.46
C LEU B 228 25.20 7.21 -8.78
N PHE B 229 24.43 7.68 -7.80
CA PHE B 229 23.59 8.85 -7.99
C PHE B 229 24.45 10.07 -8.33
N GLU B 230 25.55 10.21 -7.60
CA GLU B 230 26.44 11.34 -7.82
C GLU B 230 27.06 11.31 -9.22
N ASP B 231 27.55 10.14 -9.63
CA ASP B 231 28.18 10.04 -10.93
C ASP B 231 27.17 10.13 -12.08
N LEU B 232 25.94 9.73 -11.81
CA LEU B 232 24.88 9.86 -12.79
C LEU B 232 24.58 11.34 -13.05
N ALA B 233 24.48 12.12 -11.98
CA ALA B 233 24.21 13.55 -12.10
C ALA B 233 25.37 14.26 -12.78
N THR B 234 26.58 13.93 -12.35
CA THR B 234 27.79 14.51 -12.92
C THR B 234 27.93 14.24 -14.42
N ALA B 235 27.77 12.97 -14.80
CA ALA B 235 27.95 12.57 -16.19
C ALA B 235 26.85 13.15 -17.09
N TYR B 236 25.60 13.11 -16.63
CA TYR B 236 24.49 13.59 -17.43
C TYR B 236 24.63 15.09 -17.69
N GLU B 237 24.95 15.86 -16.66
CA GLU B 237 25.09 17.31 -16.82
C GLU B 237 26.21 17.64 -17.78
N GLN B 238 27.31 16.91 -17.70
CA GLN B 238 28.42 17.06 -18.65
C GLN B 238 27.94 16.77 -20.07
N ALA B 239 27.29 15.63 -20.25
CA ALA B 239 26.85 15.17 -21.56
C ALA B 239 25.85 16.13 -22.21
N MET B 240 24.96 16.70 -21.42
CA MET B 240 23.94 17.59 -21.98
C MET B 240 24.53 18.95 -22.35
N HIS B 241 25.75 19.21 -21.90
CA HIS B 241 26.49 20.40 -22.34
C HIS B 241 27.56 20.00 -23.35
N GLN B 242 27.45 18.77 -23.86
CA GLN B 242 28.41 18.24 -24.84
C GLN B 242 29.85 18.32 -24.34
N GLN B 243 30.05 18.09 -23.04
CA GLN B 243 31.39 17.94 -22.49
C GLN B 243 31.79 16.48 -22.53
N THR B 244 33.09 16.22 -22.51
CA THR B 244 33.57 14.85 -22.32
C THR B 244 33.19 14.41 -20.90
N ILE B 245 32.58 13.23 -20.80
CA ILE B 245 32.21 12.69 -19.49
C ILE B 245 33.46 12.44 -18.66
N ALA B 246 33.47 12.95 -17.44
CA ALA B 246 34.65 12.87 -16.59
C ALA B 246 34.27 12.68 -15.13
N LEU B 247 34.55 11.49 -14.61
CA LEU B 247 34.23 11.14 -13.24
C LEU B 247 35.46 11.28 -12.34
N PRO B 248 35.26 11.31 -11.01
CA PRO B 248 36.41 11.34 -10.10
C PRO B 248 37.27 10.09 -10.27
N GLU B 249 38.53 10.15 -9.85
CA GLU B 249 39.43 9.00 -9.95
C GLU B 249 38.86 7.80 -9.21
N LYS B 250 39.05 6.61 -9.79
CA LYS B 250 38.67 5.37 -9.13
C LYS B 250 39.40 5.23 -7.82
N THR B 251 38.73 4.69 -6.81
CA THR B 251 39.41 4.24 -5.61
C THR B 251 39.73 2.75 -5.78
N ASP B 252 40.16 2.08 -4.73
CA ASP B 252 40.57 0.67 -4.83
C ASP B 252 39.43 -0.26 -5.27
N SER B 253 39.74 -1.21 -6.14
CA SER B 253 38.72 -2.10 -6.67
C SER B 253 38.23 -3.09 -5.63
N PHE B 254 37.03 -3.61 -5.87
CA PHE B 254 36.46 -4.65 -5.03
C PHE B 254 37.37 -5.87 -5.05
N LYS B 255 37.97 -6.12 -6.21
CA LYS B 255 38.96 -7.18 -6.39
C LYS B 255 40.12 -7.07 -5.42
N ASP B 256 40.80 -5.93 -5.45
CA ASP B 256 41.95 -5.71 -4.56
C ASP B 256 41.53 -5.73 -3.09
N TRP B 257 40.32 -5.27 -2.82
CA TRP B 257 39.79 -5.27 -1.46
C TRP B 257 39.63 -6.70 -0.96
N SER B 258 39.01 -7.54 -1.78
CA SER B 258 38.81 -8.95 -1.44
C SER B 258 40.14 -9.68 -1.26
N ILE B 259 41.10 -9.35 -2.11
CA ILE B 259 42.44 -9.93 -2.02
C ILE B 259 43.09 -9.63 -0.66
N GLU B 260 43.03 -8.38 -0.24
CA GLU B 260 43.66 -7.97 1.01
C GLU B 260 42.83 -8.36 2.23
N LEU B 261 41.52 -8.51 2.03
CA LEU B 261 40.64 -8.88 3.14
C LEU B 261 40.91 -10.32 3.58
N GLU B 262 41.11 -11.20 2.61
CA GLU B 262 41.40 -12.60 2.88
C GLU B 262 42.75 -12.78 3.57
N LYS B 263 43.73 -11.95 3.19
CA LYS B 263 45.03 -11.96 3.86
C LYS B 263 44.88 -11.53 5.32
N TYR B 264 44.10 -10.48 5.53
CA TYR B 264 43.80 -9.97 6.87
C TYR B 264 43.18 -11.05 7.75
N ALA B 265 42.25 -11.81 7.17
CA ALA B 265 41.52 -12.84 7.88
C ALA B 265 42.43 -13.91 8.44
N ASN B 266 43.57 -14.11 7.77
CA ASN B 266 44.53 -15.11 8.19
C ASN B 266 45.78 -14.48 8.77
N SER B 267 45.73 -13.15 8.92
CA SER B 267 46.84 -12.40 9.50
C SER B 267 46.87 -12.62 11.00
N GLU B 268 48.05 -12.56 11.59
CA GLU B 268 48.17 -12.87 13.01
C GLU B 268 47.58 -11.81 13.92
N LEU B 269 47.79 -10.54 13.58
CA LEU B 269 47.27 -9.44 14.40
C LEU B 269 45.75 -9.53 14.51
N PHE B 270 45.10 -9.99 13.44
CA PHE B 270 43.66 -10.11 13.43
C PHE B 270 43.17 -11.30 14.26
N LEU B 271 43.94 -12.40 14.22
CA LEU B 271 43.56 -13.62 14.92
C LEU B 271 43.52 -13.42 16.44
N GLU B 272 44.29 -12.45 16.93
CA GLU B 272 44.31 -12.13 18.35
C GLU B 272 42.96 -11.62 18.86
N GLU B 273 42.13 -11.13 17.95
CA GLU B 273 40.88 -10.47 18.33
C GLU B 273 39.75 -11.44 18.69
N ALA B 274 40.01 -12.73 18.53
CA ALA B 274 38.98 -13.76 18.74
C ALA B 274 38.39 -13.71 20.14
N GLU B 275 39.20 -13.31 21.12
CA GLU B 275 38.78 -13.25 22.52
C GLU B 275 37.61 -12.29 22.73
N TYR B 276 37.59 -11.21 21.97
CA TYR B 276 36.56 -10.19 22.12
C TYR B 276 35.18 -10.73 21.75
N TRP B 277 35.17 -11.83 21.01
CA TRP B 277 33.93 -12.44 20.56
C TRP B 277 33.49 -13.60 21.44
N HIS B 278 34.28 -13.90 22.47
CA HIS B 278 34.00 -15.05 23.33
C HIS B 278 32.76 -14.82 24.19
N HIS B 279 32.43 -13.55 24.43
CA HIS B 279 31.25 -13.21 25.23
C HIS B 279 29.95 -13.69 24.61
N LEU B 280 29.98 -14.03 23.32
CA LEU B 280 28.79 -14.50 22.62
C LEU B 280 28.31 -15.83 23.15
N ASN B 281 29.20 -16.54 23.86
CA ASN B 281 28.84 -17.82 24.45
C ASN B 281 27.85 -17.66 25.59
N TYR B 282 27.84 -16.49 26.22
CA TYR B 282 26.94 -16.23 27.35
C TYR B 282 25.52 -15.96 26.88
N TYR B 283 25.28 -16.04 25.57
CA TYR B 283 23.99 -15.62 25.03
C TYR B 283 23.39 -16.50 23.93
N THR B 284 24.00 -17.66 23.67
CA THR B 284 23.54 -18.51 22.58
C THR B 284 22.16 -19.15 22.87
N ASP B 285 21.60 -18.87 24.03
CA ASP B 285 20.22 -19.29 24.26
C ASP B 285 19.30 -18.10 24.52
N ASN B 286 19.82 -16.92 24.21
CA ASN B 286 19.02 -15.69 24.25
C ASN B 286 18.76 -15.16 22.84
N VAL B 287 18.33 -16.06 21.96
CA VAL B 287 18.17 -15.75 20.55
C VAL B 287 16.71 -15.69 20.13
N GLN B 288 15.98 -16.77 20.39
CA GLN B 288 14.62 -16.92 19.91
C GLN B 288 13.60 -16.11 20.71
N ILE B 289 12.63 -15.54 19.99
CA ILE B 289 11.49 -14.85 20.62
C ILE B 289 10.21 -15.64 20.39
N LYS B 290 9.17 -15.36 21.18
CA LYS B 290 7.92 -16.08 21.03
C LYS B 290 7.11 -15.59 19.84
N LYS B 291 6.41 -16.51 19.18
CA LYS B 291 5.59 -16.17 18.04
C LYS B 291 4.12 -16.42 18.33
N ASP B 292 3.25 -15.76 17.56
CA ASP B 292 1.81 -15.96 17.69
C ASP B 292 1.37 -17.32 17.13
N TYR B 293 2.00 -17.77 16.06
CA TYR B 293 1.60 -19.01 15.39
C TYR B 293 2.78 -19.82 14.87
N VAL B 294 2.51 -21.10 14.57
CA VAL B 294 3.51 -21.98 13.96
C VAL B 294 3.22 -22.13 12.46
N THR B 295 4.25 -22.03 11.63
CA THR B 295 4.06 -22.11 10.20
C THR B 295 5.24 -22.78 9.53
N MET B 296 4.98 -23.49 8.44
CA MET B 296 6.04 -24.09 7.64
C MET B 296 6.27 -23.24 6.39
N ASN B 297 5.26 -22.44 6.04
CA ASN B 297 5.36 -21.50 4.93
C ASN B 297 6.23 -20.31 5.29
N ASN B 298 7.50 -20.39 4.91
CA ASN B 298 8.46 -19.33 5.22
C ASN B 298 9.13 -18.79 3.97
N LYS B 299 8.35 -18.13 3.13
CA LYS B 299 8.87 -17.55 1.90
C LYS B 299 8.64 -16.04 1.87
N GLN B 300 9.40 -15.35 1.04
CA GLN B 300 9.33 -13.89 0.95
C GLN B 300 7.91 -13.39 0.67
N LYS B 301 7.14 -14.17 -0.07
CA LYS B 301 5.76 -13.80 -0.40
C LYS B 301 4.85 -13.79 0.83
N ASN B 302 5.28 -14.43 1.91
CA ASN B 302 4.50 -14.42 3.16
C ASN B 302 4.86 -13.23 4.07
N ILE B 303 5.79 -12.39 3.61
CA ILE B 303 6.28 -11.29 4.44
C ILE B 303 5.51 -9.98 4.23
N ARG B 304 5.10 -9.36 5.32
CA ARG B 304 4.48 -8.04 5.31
C ARG B 304 5.27 -7.13 6.26
N TYR B 305 4.86 -5.86 6.37
CA TYR B 305 5.56 -4.97 7.28
C TYR B 305 4.67 -3.91 7.91
N VAL B 306 5.12 -3.42 9.06
CA VAL B 306 4.47 -2.33 9.77
C VAL B 306 5.47 -1.18 9.89
N GLY B 307 5.02 0.04 9.64
CA GLY B 307 5.90 1.18 9.64
C GLY B 307 5.59 2.25 10.67
N MET B 308 6.64 2.93 11.11
CA MET B 308 6.50 4.11 11.95
C MET B 308 7.41 5.20 11.43
N GLU B 309 7.14 6.44 11.81
CA GLU B 309 8.00 7.53 11.40
C GLU B 309 7.91 8.72 12.34
N LEU B 310 9.01 9.46 12.42
CA LEU B 310 9.06 10.67 13.21
C LEU B 310 8.87 11.86 12.29
N THR B 311 8.52 13.00 12.88
CA THR B 311 8.37 14.23 12.13
C THR B 311 9.73 14.75 11.70
N ILE B 312 9.74 15.76 10.83
CA ILE B 312 10.98 16.42 10.46
C ILE B 312 11.64 16.98 11.72
N GLU B 313 10.83 17.62 12.55
CA GLU B 313 11.28 18.25 13.78
C GLU B 313 11.92 17.24 14.74
N GLU B 314 11.20 16.14 15.00
CA GLU B 314 11.70 15.07 15.87
C GLU B 314 12.98 14.44 15.30
N THR B 315 12.99 14.23 13.99
CA THR B 315 14.16 13.68 13.31
C THR B 315 15.34 14.63 13.40
N GLU B 316 15.08 15.94 13.30
CA GLU B 316 16.13 16.94 13.46
C GLU B 316 16.80 16.83 14.83
N LYS B 317 15.99 16.67 15.89
CA LYS B 317 16.52 16.52 17.24
C LYS B 317 17.43 15.31 17.35
N LEU B 318 16.99 14.19 16.76
CA LEU B 318 17.76 12.95 16.77
C LEU B 318 19.10 13.11 16.07
N LEU B 319 19.09 13.85 14.96
CA LEU B 319 20.29 13.99 14.15
C LEU B 319 21.25 15.04 14.70
N LYS B 320 20.72 16.05 15.39
CA LYS B 320 21.53 17.20 15.76
C LYS B 320 21.69 17.44 17.27
N ASN B 321 20.69 17.06 18.06
CA ASN B 321 20.67 17.44 19.48
C ASN B 321 20.59 16.27 20.47
N VAL B 322 20.99 15.08 20.05
CA VAL B 322 20.84 13.91 20.92
C VAL B 322 22.18 13.29 21.29
N ASN B 323 23.08 13.16 20.31
CA ASN B 323 24.37 12.53 20.55
C ASN B 323 25.23 13.31 21.55
N LYS B 324 24.93 14.60 21.73
CA LYS B 324 25.66 15.45 22.66
C LYS B 324 25.59 14.96 24.10
N ALA B 325 24.46 14.32 24.44
CA ALA B 325 24.16 13.98 25.83
C ALA B 325 25.18 13.00 26.39
N TYR B 326 25.59 12.04 25.58
CA TYR B 326 26.51 11.00 26.03
C TYR B 326 27.62 10.73 25.02
N ARG B 327 27.84 11.68 24.11
CA ARG B 327 28.77 11.52 22.99
C ARG B 327 28.56 10.19 22.28
N THR B 328 27.31 9.92 21.92
CA THR B 328 26.96 8.66 21.27
C THR B 328 26.89 8.80 19.76
N GLU B 329 26.65 7.69 19.07
CA GLU B 329 26.29 7.71 17.67
C GLU B 329 24.87 7.19 17.56
N ILE B 330 24.21 7.44 16.44
CA ILE B 330 22.79 7.13 16.27
C ILE B 330 22.46 5.64 16.53
N ASN B 331 23.44 4.77 16.31
CA ASN B 331 23.27 3.35 16.61
C ASN B 331 23.02 3.08 18.09
N ASP B 332 23.73 3.80 18.96
CA ASP B 332 23.54 3.67 20.40
C ASP B 332 22.10 3.97 20.80
N ILE B 333 21.59 5.09 20.27
CA ILE B 333 20.25 5.56 20.59
C ILE B 333 19.15 4.61 20.10
N LEU B 334 19.24 4.20 18.84
CA LEU B 334 18.21 3.36 18.22
C LEU B 334 18.15 1.97 18.83
N LEU B 335 19.32 1.39 19.11
CA LEU B 335 19.38 0.06 19.67
C LEU B 335 18.97 0.07 21.15
N THR B 336 19.24 1.17 21.84
CA THR B 336 18.78 1.35 23.21
C THR B 336 17.26 1.42 23.21
N ALA B 337 16.71 2.11 22.23
CA ALA B 337 15.25 2.20 22.07
C ALA B 337 14.67 0.84 21.70
N LEU B 338 15.46 0.04 20.98
CA LEU B 338 15.01 -1.30 20.60
C LEU B 338 14.95 -2.20 21.83
N GLY B 339 15.89 -2.01 22.74
CA GLY B 339 15.93 -2.79 23.97
C GLY B 339 14.70 -2.55 24.81
N PHE B 340 14.39 -1.27 25.04
CA PHE B 340 13.20 -0.89 25.79
C PHE B 340 11.93 -1.47 25.16
N ALA B 341 11.84 -1.35 23.83
CA ALA B 341 10.67 -1.79 23.10
C ALA B 341 10.45 -3.30 23.24
N LEU B 342 11.51 -4.07 23.07
CA LEU B 342 11.41 -5.53 23.11
C LEU B 342 11.06 -6.04 24.52
N LYS B 343 11.52 -5.33 25.54
CA LYS B 343 11.22 -5.70 26.92
C LYS B 343 9.75 -5.46 27.24
N GLU B 344 9.24 -4.32 26.82
CA GLU B 344 7.83 -3.99 27.05
C GLU B 344 6.91 -4.86 26.20
N TRP B 345 7.41 -5.28 25.05
CA TRP B 345 6.60 -6.00 24.07
C TRP B 345 6.56 -7.50 24.33
N ALA B 346 7.68 -8.07 24.78
CA ALA B 346 7.78 -9.51 24.94
C ALA B 346 8.40 -9.93 26.28
N ASP B 347 8.61 -8.96 27.18
CA ASP B 347 9.21 -9.20 28.49
C ASP B 347 10.58 -9.87 28.38
N ILE B 348 11.45 -9.30 27.55
CA ILE B 348 12.78 -9.84 27.33
C ILE B 348 13.83 -9.01 28.07
N ASP B 349 14.83 -9.68 28.63
CA ASP B 349 15.90 -9.01 29.36
C ASP B 349 17.22 -9.05 28.59
N LYS B 350 17.52 -10.21 28.02
CA LYS B 350 18.72 -10.40 27.22
C LYS B 350 18.35 -10.97 25.86
N ILE B 351 18.93 -10.41 24.80
CA ILE B 351 18.67 -10.95 23.47
C ILE B 351 19.79 -10.58 22.47
N VAL B 352 20.11 -11.53 21.60
CA VAL B 352 21.06 -11.28 20.54
C VAL B 352 20.35 -10.92 19.25
N ILE B 353 20.71 -9.78 18.67
CA ILE B 353 20.17 -9.39 17.37
C ILE B 353 21.28 -9.38 16.31
N ASN B 354 20.88 -9.40 15.05
CA ASN B 354 21.83 -9.24 13.95
C ASN B 354 21.84 -7.77 13.54
N LEU B 355 23.01 -7.15 13.63
CA LEU B 355 23.14 -5.73 13.29
C LEU B 355 23.95 -5.57 12.01
N GLU B 356 23.45 -4.74 11.10
CA GLU B 356 24.17 -4.48 9.85
C GLU B 356 24.92 -3.17 9.94
N GLY B 357 26.08 -3.13 9.30
CA GLY B 357 26.85 -1.91 9.19
C GLY B 357 27.36 -1.79 7.77
N HIS B 358 27.88 -0.61 7.40
CA HIS B 358 28.31 -0.39 6.02
C HIS B 358 29.55 -1.21 5.67
N GLY B 359 30.30 -1.64 6.69
CA GLY B 359 31.40 -2.55 6.49
C GLY B 359 32.68 -1.95 5.92
N ARG B 360 32.72 -0.63 5.80
CA ARG B 360 33.86 0.04 5.21
C ARG B 360 34.77 0.58 6.30
N GLU B 361 35.36 -0.35 7.07
CA GLU B 361 36.19 0.02 8.20
C GLU B 361 37.67 0.12 7.82
N GLU B 362 38.37 1.07 8.42
CA GLU B 362 39.78 1.28 8.13
C GLU B 362 40.63 0.21 8.81
N ILE B 363 40.50 -1.03 8.36
CA ILE B 363 41.25 -2.14 8.94
C ILE B 363 42.46 -2.52 8.09
N LEU B 364 42.37 -2.25 6.79
CA LEU B 364 43.53 -2.37 5.91
C LEU B 364 44.11 -0.97 5.70
N GLU B 365 45.41 -0.82 5.93
CA GLU B 365 46.02 0.51 6.00
C GLU B 365 46.13 1.22 4.66
N GLN B 366 46.81 0.60 3.72
CA GLN B 366 46.91 1.16 2.39
C GLN B 366 45.67 0.79 1.60
N MET B 367 44.48 0.92 2.16
CA MET B 367 43.29 0.62 1.37
C MET B 367 42.31 1.77 1.39
N ASN B 368 41.71 2.02 0.23
CA ASN B 368 40.74 3.10 0.09
C ASN B 368 39.58 2.68 -0.80
N ILE B 369 38.44 2.44 -0.18
CA ILE B 369 37.25 2.03 -0.92
C ILE B 369 36.10 3.02 -0.75
N ALA B 370 36.46 4.26 -0.43
CA ALA B 370 35.47 5.31 -0.15
C ALA B 370 34.59 5.62 -1.36
N ARG B 371 35.07 5.30 -2.56
CA ARG B 371 34.27 5.53 -3.77
C ARG B 371 34.14 4.25 -4.60
N THR B 372 34.28 3.11 -3.94
CA THR B 372 34.18 1.82 -4.62
C THR B 372 32.75 1.31 -4.55
N VAL B 373 32.24 0.83 -5.68
CA VAL B 373 30.91 0.24 -5.72
C VAL B 373 31.04 -1.26 -5.45
N GLY B 374 30.16 -1.79 -4.61
CA GLY B 374 30.18 -3.20 -4.27
C GLY B 374 29.36 -3.48 -3.04
N TRP B 375 29.27 -4.75 -2.67
CA TRP B 375 28.56 -5.15 -1.46
C TRP B 375 29.53 -5.30 -0.29
N PHE B 376 29.68 -4.24 0.51
CA PHE B 376 30.63 -4.24 1.61
C PHE B 376 29.99 -4.48 2.96
N THR B 377 28.66 -4.51 2.98
CA THR B 377 27.87 -4.65 4.21
C THR B 377 28.39 -5.71 5.18
N SER B 378 28.56 -5.30 6.44
CA SER B 378 28.94 -6.23 7.49
C SER B 378 27.74 -6.54 8.36
N GLN B 379 27.77 -7.69 9.01
CA GLN B 379 26.76 -8.06 10.00
C GLN B 379 27.40 -8.87 11.09
N TYR B 380 26.93 -8.68 12.31
CA TYR B 380 27.47 -9.40 13.44
C TYR B 380 26.45 -9.40 14.56
N PRO B 381 26.51 -10.41 15.45
CA PRO B 381 25.58 -10.48 16.58
C PRO B 381 25.87 -9.43 17.64
N VAL B 382 24.81 -8.74 18.07
CA VAL B 382 24.90 -7.74 19.14
C VAL B 382 24.01 -8.17 20.30
N VAL B 383 24.49 -7.95 21.52
CA VAL B 383 23.72 -8.28 22.71
C VAL B 383 23.04 -7.05 23.28
N LEU B 384 21.72 -7.11 23.42
CA LEU B 384 20.98 -6.06 24.11
C LEU B 384 20.69 -6.52 25.54
N ASP B 385 21.15 -5.75 26.52
CA ASP B 385 21.00 -6.14 27.92
C ASP B 385 20.21 -5.11 28.71
N MET B 386 18.99 -5.46 29.07
CA MET B 386 18.14 -4.57 29.84
C MET B 386 18.11 -4.96 31.32
N GLN B 387 18.93 -4.28 32.11
CA GLN B 387 19.01 -4.55 33.54
C GLN B 387 18.33 -3.44 34.35
N LYS B 388 19.01 -2.31 34.50
CA LYS B 388 18.45 -1.17 35.23
C LYS B 388 17.43 -0.45 34.35
N SER B 389 16.17 -0.82 34.53
CA SER B 389 15.10 -0.36 33.66
C SER B 389 14.64 1.07 33.95
N ASP B 390 15.21 1.67 35.00
CA ASP B 390 14.75 2.98 35.46
C ASP B 390 15.64 4.11 34.98
N ASP B 391 16.95 3.98 35.19
CA ASP B 391 17.88 5.03 34.83
C ASP B 391 18.24 5.00 33.35
N LEU B 392 17.71 5.96 32.60
CA LEU B 392 18.01 6.10 31.18
C LEU B 392 19.49 6.31 30.96
N SER B 393 20.09 7.20 31.76
CA SER B 393 21.51 7.51 31.68
C SER B 393 22.34 6.24 31.77
N TYR B 394 21.88 5.30 32.58
CA TYR B 394 22.59 4.04 32.77
C TYR B 394 22.47 3.14 31.53
N GLN B 395 21.26 2.95 31.02
CA GLN B 395 21.04 2.07 29.88
C GLN B 395 21.72 2.58 28.61
N ILE B 396 21.62 3.88 28.37
CA ILE B 396 22.25 4.50 27.21
C ILE B 396 23.77 4.33 27.26
N LYS B 397 24.36 4.58 28.42
CA LYS B 397 25.81 4.45 28.59
C LYS B 397 26.23 2.98 28.55
N LEU B 398 25.32 2.09 28.94
CA LEU B 398 25.58 0.65 28.89
C LEU B 398 25.62 0.15 27.45
N MET B 399 24.65 0.58 26.65
CA MET B 399 24.59 0.19 25.25
C MET B 399 25.79 0.73 24.49
N LYS B 400 26.19 1.96 24.82
CA LYS B 400 27.35 2.58 24.20
C LYS B 400 28.58 1.70 24.39
N GLU B 401 28.71 1.14 25.59
CA GLU B 401 29.85 0.32 25.96
C GLU B 401 29.79 -1.06 25.28
N ASN B 402 28.59 -1.62 25.18
CA ASN B 402 28.39 -2.91 24.55
C ASN B 402 28.78 -2.89 23.07
N LEU B 403 28.49 -1.80 22.39
CA LEU B 403 28.81 -1.65 20.98
C LEU B 403 30.30 -1.42 20.75
N ARG B 404 31.00 -0.95 21.77
CA ARG B 404 32.39 -0.53 21.60
C ARG B 404 33.42 -1.54 22.10
N ARG B 405 32.99 -2.59 22.80
CA ARG B 405 33.93 -3.58 23.31
C ARG B 405 34.48 -4.47 22.19
N ILE B 406 33.82 -4.46 21.05
CA ILE B 406 34.34 -5.17 19.89
C ILE B 406 35.03 -4.20 18.93
N PRO B 407 36.16 -4.62 18.37
CA PRO B 407 36.96 -3.77 17.48
C PRO B 407 36.32 -3.57 16.10
N ASN B 408 36.54 -2.39 15.52
CA ASN B 408 36.22 -2.12 14.13
C ASN B 408 34.78 -2.40 13.73
N LYS B 409 33.84 -1.97 14.59
CA LYS B 409 32.41 -2.03 14.28
C LYS B 409 31.93 -3.44 13.94
N GLY B 410 32.57 -4.46 14.50
CA GLY B 410 32.09 -5.82 14.42
C GLY B 410 32.36 -6.53 13.10
N ILE B 411 33.22 -5.95 12.27
CA ILE B 411 33.48 -6.51 10.95
C ILE B 411 34.15 -7.88 11.04
N GLY B 412 34.89 -8.12 12.12
CA GLY B 412 35.70 -9.31 12.26
C GLY B 412 34.96 -10.63 12.41
N TYR B 413 33.72 -10.58 12.87
CA TYR B 413 32.99 -11.81 13.17
C TYR B 413 32.79 -12.68 11.93
N GLU B 414 32.23 -12.13 10.87
CA GLU B 414 31.99 -12.93 9.67
C GLU B 414 33.24 -13.08 8.82
N ILE B 415 34.24 -12.24 9.10
CA ILE B 415 35.57 -12.45 8.54
C ILE B 415 36.16 -13.75 9.10
N PHE B 416 36.09 -13.93 10.42
CA PHE B 416 36.44 -15.19 11.08
C PHE B 416 35.64 -16.35 10.51
N LYS B 417 34.34 -16.13 10.37
CA LYS B 417 33.39 -17.18 10.02
C LYS B 417 33.54 -17.70 8.60
N TYR B 418 33.95 -16.83 7.67
CA TYR B 418 33.91 -17.18 6.25
C TYR B 418 35.26 -17.12 5.53
N LEU B 419 36.15 -16.24 5.95
CA LEU B 419 37.39 -16.00 5.21
C LEU B 419 38.60 -16.69 5.84
N THR B 420 38.67 -16.66 7.17
CA THR B 420 39.77 -17.30 7.88
C THR B 420 39.84 -18.77 7.51
N THR B 421 41.05 -19.25 7.23
CA THR B 421 41.24 -20.66 6.87
C THR B 421 40.93 -21.55 8.07
N GLU B 422 40.45 -22.77 7.79
CA GLU B 422 39.91 -23.66 8.82
C GLU B 422 40.83 -23.90 10.02
N TYR B 423 42.11 -24.17 9.75
CA TYR B 423 43.02 -24.53 10.83
C TYR B 423 43.43 -23.32 11.67
N LEU B 424 42.97 -22.14 11.29
CA LEU B 424 43.23 -20.93 12.05
C LEU B 424 41.93 -20.39 12.65
N ARG B 425 40.81 -20.90 12.15
CA ARG B 425 39.47 -20.47 12.55
C ARG B 425 39.21 -20.64 14.05
N PRO B 426 38.93 -19.53 14.75
CA PRO B 426 38.65 -19.50 16.19
C PRO B 426 37.40 -20.27 16.56
N VAL B 427 37.31 -20.72 17.81
CA VAL B 427 36.12 -21.43 18.28
C VAL B 427 35.07 -20.42 18.72
N LEU B 428 34.15 -20.11 17.80
CA LEU B 428 33.06 -19.19 18.07
C LEU B 428 31.74 -19.85 17.76
N PRO B 429 30.63 -19.32 18.33
CA PRO B 429 29.32 -19.90 18.03
C PRO B 429 28.85 -19.54 16.61
N PHE B 430 29.58 -19.97 15.60
CA PHE B 430 29.30 -19.59 14.21
C PHE B 430 27.93 -20.07 13.72
N THR B 431 27.32 -20.98 14.48
CA THR B 431 25.99 -21.48 14.15
C THR B 431 24.92 -20.61 14.80
N LEU B 432 25.36 -19.61 15.56
CA LEU B 432 24.45 -18.63 16.15
C LEU B 432 23.62 -17.96 15.05
N LYS B 433 22.31 -17.86 15.28
CA LYS B 433 21.40 -17.38 14.26
C LYS B 433 20.27 -16.56 14.86
N PRO B 434 20.51 -15.24 15.01
CA PRO B 434 19.52 -14.30 15.59
C PRO B 434 18.22 -14.24 14.77
N GLU B 435 17.10 -14.04 15.47
CA GLU B 435 15.80 -13.97 14.83
C GLU B 435 15.42 -12.53 14.50
N ILE B 436 16.10 -11.59 15.13
CA ILE B 436 15.85 -10.18 14.86
C ILE B 436 17.04 -9.53 14.16
N ASN B 437 16.75 -8.83 13.06
CA ASN B 437 17.76 -8.09 12.31
C ASN B 437 17.51 -6.59 12.42
N PHE B 438 18.56 -5.81 12.57
CA PHE B 438 18.42 -4.35 12.58
C PHE B 438 19.31 -3.69 11.53
N ASN B 439 18.69 -2.85 10.70
CA ASN B 439 19.39 -2.25 9.59
C ASN B 439 18.94 -0.81 9.33
N TYR B 440 19.63 0.15 9.93
CA TYR B 440 19.38 1.57 9.65
C TYR B 440 20.30 2.01 8.51
N LEU B 441 19.70 2.38 7.38
CA LEU B 441 20.48 2.64 6.15
C LEU B 441 21.21 3.98 6.15
N GLY B 442 20.76 4.91 6.99
CA GLY B 442 21.35 6.24 7.04
C GLY B 442 20.54 7.29 6.28
N GLN B 443 21.23 8.34 5.86
CA GLN B 443 20.57 9.49 5.22
C GLN B 443 20.78 9.51 3.71
N PHE B 444 19.77 9.96 2.97
CA PHE B 444 19.80 9.90 1.51
C PHE B 444 19.40 11.19 0.78
N ASP B 445 18.79 12.15 1.48
CA ASP B 445 18.22 13.33 0.82
C ASP B 445 19.25 14.12 0.02
N THR B 446 20.44 14.28 0.59
CA THR B 446 21.52 15.00 -0.07
C THR B 446 22.03 14.25 -1.31
N ASP B 447 21.77 12.94 -1.34
CA ASP B 447 22.26 12.10 -2.42
C ASP B 447 21.24 11.95 -3.56
N VAL B 448 19.95 11.94 -3.21
CA VAL B 448 18.91 11.71 -4.21
C VAL B 448 18.34 13.01 -4.79
N LYS B 449 18.27 14.06 -3.98
CA LYS B 449 17.76 15.33 -4.47
C LYS B 449 18.90 16.17 -5.02
N THR B 450 19.12 16.07 -6.32
CA THR B 450 20.19 16.81 -6.98
C THR B 450 19.59 17.91 -7.85
N GLU B 451 20.43 18.59 -8.60
CA GLU B 451 19.97 19.63 -9.50
C GLU B 451 19.30 19.03 -10.74
N LEU B 452 19.67 17.81 -11.07
CA LEU B 452 19.17 17.15 -12.28
C LEU B 452 17.92 16.31 -12.05
N PHE B 453 17.78 15.76 -10.85
CA PHE B 453 16.67 14.85 -10.59
C PHE B 453 16.36 14.73 -9.11
N THR B 454 15.24 14.07 -8.82
CA THR B 454 14.84 13.80 -7.45
C THR B 454 14.26 12.39 -7.35
N ARG B 455 13.89 11.96 -6.15
CA ARG B 455 13.26 10.66 -5.98
C ARG B 455 11.90 10.67 -6.65
N SER B 456 11.52 9.55 -7.27
CA SER B 456 10.24 9.47 -7.96
C SER B 456 9.08 9.32 -6.99
N PRO B 457 8.01 10.10 -7.19
CA PRO B 457 6.80 9.99 -6.39
C PRO B 457 6.07 8.66 -6.63
N TYR B 458 6.39 7.99 -7.73
CA TYR B 458 5.77 6.72 -8.08
C TYR B 458 6.52 5.54 -7.46
N SER B 459 7.54 5.82 -6.67
CA SER B 459 8.32 4.78 -6.01
C SER B 459 7.51 4.17 -4.86
N MET B 460 7.70 2.87 -4.63
CA MET B 460 6.92 2.18 -3.62
C MET B 460 7.76 1.73 -2.43
N GLY B 461 7.80 2.57 -1.40
CA GLY B 461 8.47 2.24 -0.16
C GLY B 461 9.99 2.24 -0.26
N ASN B 462 10.64 1.62 0.71
CA ASN B 462 12.10 1.57 0.76
C ASN B 462 12.66 0.59 -0.25
N SER B 463 13.03 1.11 -1.41
CA SER B 463 13.51 0.28 -2.49
C SER B 463 14.91 -0.28 -2.22
N LEU B 464 15.55 0.18 -1.15
CA LEU B 464 16.88 -0.31 -0.83
C LEU B 464 16.85 -1.38 0.24
N GLY B 465 15.66 -1.63 0.79
CA GLY B 465 15.48 -2.65 1.80
C GLY B 465 14.74 -3.86 1.28
N PRO B 466 14.49 -4.85 2.16
CA PRO B 466 13.81 -6.10 1.81
C PRO B 466 12.34 -5.91 1.43
N ASP B 467 11.73 -4.79 1.80
CA ASP B 467 10.32 -4.60 1.50
C ASP B 467 10.10 -3.76 0.26
N GLY B 468 11.20 -3.38 -0.39
CA GLY B 468 11.11 -2.74 -1.68
C GLY B 468 10.40 -3.67 -2.63
N LYS B 469 9.43 -3.13 -3.36
CA LYS B 469 8.63 -3.92 -4.28
C LYS B 469 9.48 -4.65 -5.29
N ASN B 470 9.30 -5.98 -5.32
CA ASN B 470 9.91 -6.86 -6.31
C ASN B 470 11.41 -7.02 -6.16
N ASN B 471 11.98 -6.52 -5.06
CA ASN B 471 13.41 -6.68 -4.82
C ASN B 471 13.79 -8.15 -4.66
N LEU B 472 13.00 -8.90 -3.92
CA LEU B 472 13.32 -10.31 -3.65
C LEU B 472 12.33 -11.25 -4.33
N GLY B 473 12.84 -12.36 -4.85
CA GLY B 473 11.99 -13.38 -5.45
C GLY B 473 10.99 -13.85 -4.41
N PRO B 474 9.70 -13.88 -4.76
CA PRO B 474 8.69 -14.25 -3.75
C PRO B 474 8.88 -15.69 -3.24
N GLU B 475 9.49 -16.54 -4.05
CA GLU B 475 9.67 -17.94 -3.67
C GLU B 475 10.91 -18.14 -2.79
N GLY B 476 11.78 -17.15 -2.76
CA GLY B 476 12.95 -17.18 -1.91
C GLY B 476 12.57 -17.29 -0.45
N GLU B 477 13.40 -17.97 0.33
CA GLU B 477 13.12 -18.21 1.74
C GLU B 477 13.43 -16.98 2.60
N SER B 478 12.57 -16.71 3.57
CA SER B 478 12.83 -15.66 4.54
C SER B 478 13.96 -16.14 5.45
N TYR B 479 14.58 -15.21 6.16
CA TYR B 479 15.75 -15.55 6.95
C TYR B 479 15.77 -14.81 8.29
N PHE B 480 14.69 -14.10 8.60
CA PHE B 480 14.51 -13.48 9.90
C PHE B 480 13.06 -13.55 10.34
N VAL B 481 12.85 -13.58 11.65
CA VAL B 481 11.51 -13.49 12.21
C VAL B 481 11.06 -12.04 12.21
N LEU B 482 11.95 -11.15 12.67
CA LEU B 482 11.72 -9.71 12.65
C LEU B 482 12.84 -9.03 11.89
N ASN B 483 12.50 -8.42 10.75
CA ASN B 483 13.47 -7.67 9.98
C ASN B 483 13.17 -6.19 10.16
N ILE B 484 14.04 -5.50 10.87
CA ILE B 484 13.83 -4.09 11.16
C ILE B 484 14.73 -3.24 10.28
N ASN B 485 14.13 -2.35 9.51
CA ASN B 485 14.89 -1.52 8.59
C ASN B 485 14.47 -0.06 8.69
N GLY B 486 15.43 0.83 8.56
CA GLY B 486 15.20 2.25 8.78
C GLY B 486 16.06 3.13 7.88
N PHE B 487 15.63 4.38 7.73
CA PHE B 487 16.31 5.34 6.88
C PHE B 487 15.73 6.74 7.06
N ILE B 488 16.49 7.76 6.69
CA ILE B 488 15.98 9.13 6.68
C ILE B 488 15.61 9.53 5.27
N GLU B 489 14.35 9.87 5.07
CA GLU B 489 13.86 10.32 3.76
C GLU B 489 12.99 11.56 3.94
N GLU B 490 13.30 12.60 3.17
CA GLU B 490 12.61 13.88 3.30
C GLU B 490 12.62 14.35 4.74
N GLY B 491 13.77 14.24 5.39
CA GLY B 491 13.96 14.72 6.74
C GLY B 491 13.22 13.92 7.80
N LYS B 492 12.64 12.79 7.41
CA LYS B 492 11.87 11.97 8.33
C LYS B 492 12.47 10.59 8.51
N LEU B 493 12.65 10.19 9.78
CA LEU B 493 13.05 8.82 10.09
C LEU B 493 11.91 7.87 9.80
N HIS B 494 12.18 6.87 8.96
CA HIS B 494 11.23 5.79 8.72
C HIS B 494 11.77 4.51 9.31
N ILE B 495 10.92 3.77 10.02
CA ILE B 495 11.29 2.47 10.57
C ILE B 495 10.24 1.45 10.19
N THR B 496 10.67 0.32 9.62
CA THR B 496 9.73 -0.72 9.25
C THR B 496 10.03 -2.04 9.96
N PHE B 497 8.96 -2.78 10.25
CA PHE B 497 9.09 -4.08 10.90
C PHE B 497 8.53 -5.16 9.98
N SER B 498 9.41 -5.91 9.32
CA SER B 498 8.98 -7.00 8.47
C SER B 498 8.77 -8.28 9.26
N TYR B 499 7.68 -8.96 8.95
CA TYR B 499 7.31 -10.19 9.65
C TYR B 499 6.59 -11.13 8.70
N ASN B 500 6.51 -12.40 9.10
CA ASN B 500 5.72 -13.39 8.39
C ASN B 500 4.27 -13.27 8.82
N GLU B 501 3.39 -12.98 7.86
CA GLU B 501 1.97 -12.76 8.16
C GLU B 501 1.29 -14.01 8.73
N GLN B 502 1.95 -15.16 8.62
CA GLN B 502 1.42 -16.38 9.20
C GLN B 502 2.10 -16.76 10.51
N GLN B 503 2.87 -15.83 11.08
CA GLN B 503 3.57 -16.07 12.34
C GLN B 503 3.06 -15.14 13.43
N TYR B 504 2.66 -13.93 13.04
CA TYR B 504 2.10 -12.96 13.97
C TYR B 504 0.84 -12.34 13.39
N LYS B 505 -0.11 -11.98 14.25
CA LYS B 505 -1.18 -11.11 13.83
C LYS B 505 -0.58 -9.74 13.57
N GLU B 506 -1.12 -9.02 12.59
CA GLU B 506 -0.62 -7.68 12.29
C GLU B 506 -0.61 -6.80 13.53
N ASP B 507 -1.66 -6.90 14.32
CA ASP B 507 -1.81 -6.10 15.54
C ASP B 507 -0.67 -6.30 16.53
N THR B 508 -0.15 -7.51 16.59
CA THR B 508 0.96 -7.82 17.50
C THR B 508 2.20 -7.00 17.14
N ILE B 509 2.50 -6.92 15.84
CA ILE B 509 3.65 -6.16 15.37
C ILE B 509 3.41 -4.66 15.51
N GLN B 510 2.16 -4.24 15.36
CA GLN B 510 1.81 -2.83 15.51
C GLN B 510 2.01 -2.35 16.94
N GLN B 511 1.84 -3.27 17.88
CA GLN B 511 2.09 -2.95 19.29
C GLN B 511 3.58 -2.79 19.54
N LEU B 512 4.40 -3.58 18.85
CA LEU B 512 5.84 -3.45 18.94
C LEU B 512 6.29 -2.12 18.32
N SER B 513 5.72 -1.80 17.17
CA SER B 513 6.13 -0.61 16.42
C SER B 513 5.87 0.66 17.20
N ARG B 514 4.68 0.78 17.78
CA ARG B 514 4.31 1.98 18.52
C ARG B 514 5.11 2.08 19.82
N SER B 515 5.40 0.94 20.43
CA SER B 515 6.24 0.93 21.62
C SER B 515 7.63 1.45 21.28
N TYR B 516 8.19 1.00 20.16
CA TYR B 516 9.52 1.44 19.74
C TYR B 516 9.55 2.94 19.48
N LYS B 517 8.50 3.45 18.84
CA LYS B 517 8.40 4.88 18.58
C LYS B 517 8.34 5.66 19.88
N GLN B 518 7.53 5.18 20.82
CA GLN B 518 7.39 5.80 22.13
C GLN B 518 8.73 5.90 22.86
N HIS B 519 9.47 4.79 22.90
CA HIS B 519 10.75 4.76 23.60
C HIS B 519 11.78 5.62 22.88
N LEU B 520 11.69 5.68 21.56
CA LEU B 520 12.61 6.47 20.75
C LEU B 520 12.48 7.96 21.07
N LEU B 521 11.25 8.45 21.14
CA LEU B 521 11.01 9.85 21.41
C LEU B 521 11.32 10.22 22.87
N ALA B 522 11.03 9.30 23.79
CA ALA B 522 11.31 9.54 25.20
C ALA B 522 12.82 9.69 25.43
N ILE B 523 13.60 8.85 24.76
CA ILE B 523 15.05 8.93 24.85
C ILE B 523 15.56 10.21 24.19
N ILE B 524 14.88 10.63 23.12
CA ILE B 524 15.27 11.85 22.42
C ILE B 524 15.08 13.10 23.29
N GLU B 525 13.88 13.25 23.87
CA GLU B 525 13.60 14.40 24.72
C GLU B 525 14.55 14.44 25.92
N HIS B 526 14.83 13.28 26.50
CA HIS B 526 15.81 13.16 27.57
C HIS B 526 17.18 13.68 27.16
N CYS B 527 17.71 13.14 26.07
CA CYS B 527 19.04 13.53 25.59
C CYS B 527 19.10 14.98 25.13
N VAL B 528 17.97 15.50 24.66
CA VAL B 528 17.89 16.89 24.22
C VAL B 528 18.21 17.86 25.37
N GLN B 529 17.76 17.52 26.57
CA GLN B 529 17.94 18.41 27.72
C GLN B 529 19.26 18.20 28.45
N LYS B 530 20.02 17.20 28.04
CA LYS B 530 21.33 16.95 28.64
C LYS B 530 22.45 17.57 27.79
N GLU B 531 23.33 18.33 28.44
CA GLU B 531 24.40 19.03 27.75
C GLU B 531 25.66 18.19 27.56
N ASP B 532 26.55 18.65 26.67
CA ASP B 532 27.80 17.94 26.37
C ASP B 532 28.86 18.25 27.43
N THR B 533 29.35 17.20 28.10
CA THR B 533 30.28 17.39 29.22
C THR B 533 31.41 16.34 29.31
N GLU B 534 31.58 15.53 28.27
CA GLU B 534 32.66 14.55 28.26
C GLU B 534 33.88 15.03 27.47
N LEU B 535 35.05 15.00 28.11
CA LEU B 535 36.28 15.44 27.45
C LEU B 535 36.98 14.27 26.77
O23 PNS C . -23.47 0.27 7.75
P24 PNS C . -24.13 -0.56 6.67
O25 PNS C . -25.57 -0.80 7.02
O26 PNS C . -23.43 -1.90 6.57
O27 PNS C . -24.03 0.19 5.26
C28 PNS C . -22.87 -0.02 4.46
C29 PNS C . -22.37 1.37 3.97
C30 PNS C . -21.69 2.08 5.12
C31 PNS C . -21.37 1.14 2.84
C32 PNS C . -23.52 2.24 3.49
O33 PNS C . -23.05 3.53 3.20
C34 PNS C . -24.22 1.62 2.28
O35 PNS C . -25.10 0.78 2.47
N36 PNS C . -23.90 2.01 0.91
C37 PNS C . -24.60 1.36 -0.17
C38 PNS C . -24.59 2.12 -1.50
C39 PNS C . -24.80 1.13 -2.63
O40 PNS C . -24.92 -0.04 -2.33
N41 PNS C . -24.86 1.51 -4.02
C42 PNS C . -25.07 0.48 -4.99
C43 PNS C . -24.92 0.95 -6.44
S44 PNS C . -26.19 2.09 -6.88
C1 GOL D . -39.18 -20.26 -9.98
O1 GOL D . -39.92 -19.27 -10.67
C2 GOL D . -38.61 -21.23 -11.01
O2 GOL D . -39.06 -20.84 -12.29
C3 GOL D . -39.06 -22.66 -10.74
O3 GOL D . -38.31 -23.53 -11.56
O23 PNS E . 28.17 5.74 12.64
P24 PNS E . 28.56 4.75 11.54
O25 PNS E . 29.60 3.76 12.00
O26 PNS E . 29.12 5.55 10.34
O27 PNS E . 27.27 3.95 11.07
C28 PNS E . 26.46 4.40 9.98
C29 PNS E . 25.06 3.89 10.34
C30 PNS E . 24.09 4.27 9.24
C31 PNS E . 24.68 4.56 11.64
C32 PNS E . 25.06 2.40 10.60
O33 PNS E . 23.80 2.05 11.04
C34 PNS E . 25.38 1.62 9.33
O35 PNS E . 26.55 1.45 9.01
N36 PNS E . 24.31 1.09 8.49
C37 PNS E . 24.71 0.34 7.31
C38 PNS E . 23.77 -0.83 6.97
C39 PNS E . 23.89 -1.05 5.46
O40 PNS E . 24.68 -0.33 4.86
N41 PNS E . 23.12 -2.02 4.71
C42 PNS E . 23.35 -2.10 3.29
C43 PNS E . 22.37 -2.99 2.55
S44 PNS E . 22.54 -4.71 2.94
#